data_2YSO
#
_entry.id   2YSO
#
loop_
_entity.id
_entity.type
_entity.pdbx_description
1 polymer 'Zinc finger protein 95 homolog'
2 non-polymer 'ZINC ION'
#
_entity_poly.entity_id   1
_entity_poly.type   'polypeptide(L)'
_entity_poly.pdbx_seq_one_letter_code
;GSSGSSGSREKSHQCRECGEIFFQYVSLIEHQVLHMGQKNSGPSSG
;
_entity_poly.pdbx_strand_id   A
#
loop_
_chem_comp.id
_chem_comp.type
_chem_comp.name
_chem_comp.formula
ZN non-polymer 'ZINC ION' 'Zn 2'
#
# COMPACT_ATOMS: atom_id res chain seq x y z
N GLY A 1 -10.85 2.67 23.54
CA GLY A 1 -10.43 1.41 24.13
C GLY A 1 -10.69 0.22 23.24
N SER A 2 -9.85 0.05 22.22
CA SER A 2 -10.00 -1.04 21.27
C SER A 2 -11.36 -0.98 20.58
N SER A 3 -11.76 0.22 20.19
CA SER A 3 -13.05 0.42 19.51
C SER A 3 -12.83 0.96 18.10
N GLY A 4 -13.91 1.00 17.32
CA GLY A 4 -13.82 1.49 15.96
C GLY A 4 -14.31 0.48 14.94
N SER A 5 -13.76 -0.72 15.00
CA SER A 5 -14.14 -1.79 14.08
C SER A 5 -15.36 -2.54 14.59
N SER A 6 -16.36 -2.70 13.73
CA SER A 6 -17.59 -3.40 14.10
C SER A 6 -17.76 -4.67 13.25
N GLY A 7 -17.69 -5.82 13.91
CA GLY A 7 -17.84 -7.08 13.21
C GLY A 7 -17.04 -7.13 11.93
N SER A 8 -17.59 -7.76 10.90
CA SER A 8 -16.92 -7.89 9.61
C SER A 8 -17.17 -6.65 8.76
N ARG A 9 -16.09 -5.92 8.46
CA ARG A 9 -16.19 -4.72 7.65
C ARG A 9 -15.06 -4.67 6.62
N GLU A 10 -15.43 -4.42 5.36
CA GLU A 10 -14.46 -4.34 4.29
C GLU A 10 -13.20 -3.62 4.73
N LYS A 11 -12.05 -4.13 4.29
CA LYS A 11 -10.77 -3.53 4.65
C LYS A 11 -10.04 -3.03 3.40
N SER A 12 -9.83 -1.71 3.33
CA SER A 12 -9.15 -1.11 2.20
C SER A 12 -7.64 -1.34 2.28
N HIS A 13 -6.95 -1.16 1.17
CA HIS A 13 -5.51 -1.35 1.11
C HIS A 13 -4.81 -0.07 0.66
N GLN A 14 -4.44 0.76 1.62
CA GLN A 14 -3.77 2.02 1.33
C GLN A 14 -2.28 1.94 1.67
N CYS A 15 -1.46 2.63 0.88
CA CYS A 15 -0.01 2.63 1.11
C CYS A 15 0.45 4.00 1.58
N ARG A 16 0.20 4.30 2.85
CA ARG A 16 0.60 5.59 3.42
C ARG A 16 1.94 6.04 2.85
N GLU A 17 2.81 5.08 2.55
CA GLU A 17 4.12 5.39 2.00
C GLU A 17 4.03 6.50 0.95
N CYS A 18 3.27 6.24 -0.11
CA CYS A 18 3.09 7.21 -1.18
C CYS A 18 1.67 7.76 -1.19
N GLY A 19 0.70 6.89 -0.93
CA GLY A 19 -0.69 7.31 -0.93
C GLY A 19 -1.47 6.79 -2.11
N GLU A 20 -1.67 5.47 -2.16
CA GLU A 20 -2.40 4.85 -3.26
C GLU A 20 -3.31 3.74 -2.75
N ILE A 21 -4.56 3.76 -3.20
CA ILE A 21 -5.54 2.75 -2.79
C ILE A 21 -5.65 1.64 -3.82
N PHE A 22 -5.71 0.40 -3.34
CA PHE A 22 -5.81 -0.76 -4.22
C PHE A 22 -6.93 -1.69 -3.77
N PHE A 23 -7.20 -2.73 -4.55
CA PHE A 23 -8.24 -3.69 -4.24
C PHE A 23 -7.66 -5.08 -4.03
N GLN A 24 -6.81 -5.51 -4.96
CA GLN A 24 -6.17 -6.81 -4.88
C GLN A 24 -4.96 -6.78 -3.97
N TYR A 25 -4.96 -7.64 -2.95
CA TYR A 25 -3.86 -7.70 -2.00
C TYR A 25 -2.51 -7.74 -2.72
N VAL A 26 -2.44 -8.53 -3.79
CA VAL A 26 -1.22 -8.66 -4.57
C VAL A 26 -0.71 -7.29 -5.01
N SER A 27 -1.63 -6.42 -5.43
CA SER A 27 -1.28 -5.09 -5.90
C SER A 27 -0.47 -4.35 -4.83
N LEU A 28 -0.88 -4.46 -3.58
CA LEU A 28 -0.20 -3.81 -2.47
C LEU A 28 1.10 -4.52 -2.14
N ILE A 29 0.99 -5.72 -1.58
CA ILE A 29 2.16 -6.52 -1.23
C ILE A 29 3.23 -6.42 -2.31
N GLU A 30 2.81 -6.42 -3.56
CA GLU A 30 3.73 -6.34 -4.68
C GLU A 30 4.24 -4.91 -4.86
N HIS A 31 3.32 -3.95 -4.85
CA HIS A 31 3.66 -2.55 -5.02
C HIS A 31 4.77 -2.15 -4.05
N GLN A 32 4.62 -2.53 -2.79
CA GLN A 32 5.60 -2.21 -1.76
C GLN A 32 7.02 -2.41 -2.29
N VAL A 33 7.21 -3.49 -3.04
CA VAL A 33 8.53 -3.79 -3.61
C VAL A 33 9.03 -2.65 -4.48
N LEU A 34 8.18 -2.17 -5.37
CA LEU A 34 8.54 -1.07 -6.26
C LEU A 34 9.34 0.00 -5.51
N HIS A 35 8.82 0.42 -4.36
CA HIS A 35 9.49 1.43 -3.56
C HIS A 35 10.98 1.11 -3.40
N MET A 36 11.27 -0.05 -2.84
CA MET A 36 12.65 -0.48 -2.63
C MET A 36 13.25 -1.01 -3.93
N GLY A 37 14.51 -0.65 -4.17
CA GLY A 37 15.18 -1.10 -5.38
C GLY A 37 15.60 0.05 -6.26
N GLN A 38 16.91 0.25 -6.40
CA GLN A 38 17.44 1.33 -7.22
C GLN A 38 18.86 1.03 -7.69
N LYS A 39 19.18 1.42 -8.91
CA LYS A 39 20.51 1.19 -9.47
C LYS A 39 20.84 -0.30 -9.46
N ASN A 40 19.87 -1.12 -9.85
CA ASN A 40 20.06 -2.57 -9.90
C ASN A 40 19.96 -3.09 -11.34
N SER A 41 18.92 -2.63 -12.04
CA SER A 41 18.71 -3.06 -13.42
C SER A 41 19.05 -1.94 -14.39
N GLY A 42 20.08 -2.16 -15.20
CA GLY A 42 20.49 -1.17 -16.18
C GLY A 42 20.01 -1.48 -17.58
N PRO A 43 20.66 -0.87 -18.58
CA PRO A 43 20.31 -1.07 -19.99
C PRO A 43 20.65 -2.47 -20.48
N SER A 44 19.80 -3.01 -21.36
CA SER A 44 20.01 -4.34 -21.90
C SER A 44 20.15 -5.37 -20.78
N SER A 45 19.23 -5.32 -19.83
CA SER A 45 19.24 -6.24 -18.70
C SER A 45 18.43 -7.49 -19.00
N GLY A 46 18.76 -8.15 -20.12
CA GLY A 46 18.05 -9.35 -20.51
C GLY A 46 17.52 -9.27 -21.93
ZN ZN B . 3.52 3.12 -1.95
N GLY A 1 -33.73 -13.16 -3.62
CA GLY A 1 -34.15 -13.61 -2.31
C GLY A 1 -33.01 -13.66 -1.31
N SER A 2 -33.28 -13.21 -0.08
CA SER A 2 -32.26 -13.19 0.96
C SER A 2 -32.90 -13.04 2.34
N SER A 3 -32.24 -13.60 3.35
CA SER A 3 -32.76 -13.53 4.71
C SER A 3 -33.36 -12.16 5.00
N GLY A 4 -32.61 -11.11 4.69
CA GLY A 4 -33.08 -9.76 4.93
C GLY A 4 -31.98 -8.72 4.80
N SER A 5 -31.37 -8.36 5.92
CA SER A 5 -30.31 -7.37 5.93
C SER A 5 -28.95 -8.03 5.70
N SER A 6 -28.58 -8.17 4.43
CA SER A 6 -27.32 -8.80 4.06
C SER A 6 -26.21 -7.75 3.97
N GLY A 7 -24.97 -8.22 3.89
CA GLY A 7 -23.84 -7.32 3.81
C GLY A 7 -22.63 -7.82 4.59
N SER A 8 -21.44 -7.57 4.06
CA SER A 8 -20.21 -8.00 4.70
C SER A 8 -19.24 -6.83 4.87
N ARG A 9 -18.54 -6.81 6.00
CA ARG A 9 -17.58 -5.75 6.28
C ARG A 9 -16.36 -5.86 5.38
N GLU A 10 -15.77 -4.72 5.02
CA GLU A 10 -14.60 -4.70 4.16
C GLU A 10 -13.48 -3.86 4.78
N LYS A 11 -12.26 -4.07 4.30
CA LYS A 11 -11.11 -3.33 4.81
C LYS A 11 -10.19 -2.91 3.67
N SER A 12 -9.97 -1.60 3.54
CA SER A 12 -9.12 -1.08 2.48
C SER A 12 -7.65 -1.17 2.88
N HIS A 13 -6.78 -1.18 1.88
CA HIS A 13 -5.34 -1.28 2.12
C HIS A 13 -4.59 -0.17 1.37
N GLN A 14 -4.51 1.01 1.99
CA GLN A 14 -3.82 2.14 1.37
C GLN A 14 -2.31 1.98 1.48
N CYS A 15 -1.58 2.70 0.64
CA CYS A 15 -0.13 2.65 0.63
C CYS A 15 0.47 3.94 1.18
N ARG A 16 0.47 4.07 2.50
CA ARG A 16 1.02 5.25 3.15
C ARG A 16 2.37 5.63 2.56
N GLU A 17 3.21 4.63 2.33
CA GLU A 17 4.53 4.85 1.76
C GLU A 17 4.51 6.02 0.76
N CYS A 18 3.48 6.02 -0.10
CA CYS A 18 3.35 7.07 -1.10
C CYS A 18 1.94 7.64 -1.10
N GLY A 19 0.95 6.76 -1.07
CA GLY A 19 -0.44 7.20 -1.06
C GLY A 19 -1.23 6.66 -2.24
N GLU A 20 -1.42 5.34 -2.28
CA GLU A 20 -2.16 4.70 -3.35
C GLU A 20 -3.10 3.64 -2.81
N ILE A 21 -4.17 3.36 -3.56
CA ILE A 21 -5.15 2.37 -3.15
C ILE A 21 -5.23 1.23 -4.16
N PHE A 22 -5.36 0.00 -3.67
CA PHE A 22 -5.45 -1.17 -4.54
C PHE A 22 -6.66 -2.03 -4.16
N PHE A 23 -7.21 -2.72 -5.15
CA PHE A 23 -8.36 -3.58 -4.92
C PHE A 23 -7.96 -4.89 -4.25
N GLN A 24 -7.05 -5.62 -4.90
CA GLN A 24 -6.57 -6.89 -4.36
C GLN A 24 -5.34 -6.68 -3.50
N TYR A 25 -5.23 -7.44 -2.41
CA TYR A 25 -4.09 -7.34 -1.52
C TYR A 25 -2.80 -7.68 -2.24
N VAL A 26 -2.88 -8.58 -3.21
CA VAL A 26 -1.71 -8.99 -3.98
C VAL A 26 -1.21 -7.84 -4.85
N SER A 27 -2.07 -6.87 -5.10
CA SER A 27 -1.71 -5.71 -5.92
C SER A 27 -0.90 -4.70 -5.12
N LEU A 28 -1.07 -4.74 -3.79
CA LEU A 28 -0.35 -3.83 -2.91
C LEU A 28 1.01 -4.41 -2.51
N ILE A 29 0.97 -5.60 -1.92
CA ILE A 29 2.19 -6.27 -1.49
C ILE A 29 3.27 -6.19 -2.55
N GLU A 30 2.88 -6.37 -3.81
CA GLU A 30 3.81 -6.31 -4.93
C GLU A 30 4.26 -4.88 -5.19
N HIS A 31 3.30 -3.96 -5.18
CA HIS A 31 3.59 -2.55 -5.42
C HIS A 31 4.66 -2.05 -4.46
N GLN A 32 4.56 -2.45 -3.20
CA GLN A 32 5.51 -2.05 -2.18
C GLN A 32 6.93 -2.02 -2.74
N VAL A 33 7.30 -3.08 -3.45
CA VAL A 33 8.63 -3.18 -4.04
C VAL A 33 9.11 -1.82 -4.55
N LEU A 34 8.22 -1.10 -5.22
CA LEU A 34 8.56 0.23 -5.75
C LEU A 34 9.38 1.02 -4.74
N HIS A 35 8.90 1.08 -3.50
CA HIS A 35 9.61 1.80 -2.44
C HIS A 35 10.68 0.94 -1.80
N MET A 36 11.29 0.06 -2.61
CA MET A 36 12.34 -0.82 -2.11
C MET A 36 13.45 -0.97 -3.15
N GLY A 37 14.63 -0.45 -2.83
CA GLY A 37 15.76 -0.53 -3.74
C GLY A 37 17.09 -0.47 -3.02
N GLN A 38 18.02 0.29 -3.58
CA GLN A 38 19.35 0.43 -2.98
C GLN A 38 19.48 1.75 -2.23
N LYS A 39 19.02 1.75 -1.00
CA LYS A 39 19.09 2.96 -0.16
C LYS A 39 19.96 2.73 1.06
N ASN A 40 19.66 1.67 1.82
CA ASN A 40 20.42 1.35 3.01
C ASN A 40 21.59 0.42 2.68
N SER A 41 22.79 0.84 3.07
CA SER A 41 23.99 0.05 2.80
C SER A 41 24.31 -0.87 3.98
N GLY A 42 23.67 -2.04 3.99
CA GLY A 42 23.90 -2.99 5.06
C GLY A 42 24.56 -4.27 4.58
N PRO A 43 23.74 -5.28 4.27
CA PRO A 43 24.23 -6.57 3.79
C PRO A 43 24.80 -6.49 2.39
N SER A 44 24.70 -5.31 1.78
CA SER A 44 25.21 -5.10 0.43
C SER A 44 26.47 -5.91 0.20
N SER A 45 26.33 -7.04 -0.49
CA SER A 45 27.47 -7.91 -0.78
C SER A 45 27.42 -8.40 -2.22
N GLY A 46 28.56 -8.89 -2.72
CA GLY A 46 28.63 -9.38 -4.07
C GLY A 46 28.93 -10.87 -4.14
ZN ZN B . 3.23 3.05 -2.73
N GLY A 1 -26.06 3.70 17.37
CA GLY A 1 -24.69 3.64 16.92
C GLY A 1 -24.58 3.32 15.44
N SER A 2 -25.29 4.08 14.62
CA SER A 2 -25.27 3.87 13.18
C SER A 2 -23.88 4.12 12.61
N SER A 3 -23.32 5.28 12.91
CA SER A 3 -21.98 5.64 12.42
C SER A 3 -21.03 5.87 13.59
N GLY A 4 -20.44 4.78 14.08
CA GLY A 4 -19.52 4.89 15.19
C GLY A 4 -18.20 5.55 14.79
N SER A 5 -17.66 6.37 15.69
CA SER A 5 -16.41 7.07 15.42
C SER A 5 -15.22 6.22 15.84
N SER A 6 -15.17 5.00 15.35
CA SER A 6 -14.08 4.08 15.66
C SER A 6 -13.12 3.95 14.49
N GLY A 7 -13.68 3.77 13.29
CA GLY A 7 -12.85 3.63 12.10
C GLY A 7 -12.62 2.18 11.73
N SER A 8 -12.46 1.92 10.43
CA SER A 8 -12.23 0.57 9.94
C SER A 8 -11.30 0.58 8.74
N ARG A 9 -10.21 -0.17 8.83
CA ARG A 9 -9.24 -0.25 7.75
C ARG A 9 -8.94 -1.70 7.39
N GLU A 10 -9.98 -2.50 7.24
CA GLU A 10 -9.83 -3.91 6.90
C GLU A 10 -10.30 -4.18 5.48
N LYS A 11 -11.48 -3.68 5.14
CA LYS A 11 -12.05 -3.87 3.82
C LYS A 11 -11.17 -3.21 2.76
N SER A 12 -10.73 -2.00 3.03
CA SER A 12 -9.88 -1.26 2.10
C SER A 12 -8.42 -1.34 2.51
N HIS A 13 -7.53 -1.34 1.52
CA HIS A 13 -6.09 -1.41 1.78
C HIS A 13 -5.34 -0.35 0.99
N GLN A 14 -5.16 0.82 1.61
CA GLN A 14 -4.46 1.93 0.96
C GLN A 14 -3.01 1.98 1.40
N CYS A 15 -2.14 2.52 0.54
CA CYS A 15 -0.73 2.63 0.84
C CYS A 15 -0.41 3.97 1.49
N ARG A 16 0.47 3.95 2.49
CA ARG A 16 0.86 5.16 3.20
C ARG A 16 2.21 5.67 2.71
N GLU A 17 3.06 4.75 2.25
CA GLU A 17 4.37 5.10 1.76
C GLU A 17 4.30 6.27 0.77
N CYS A 18 3.54 6.08 -0.30
CA CYS A 18 3.38 7.11 -1.31
C CYS A 18 1.95 7.64 -1.33
N GLY A 19 0.99 6.74 -1.19
CA GLY A 19 -0.41 7.14 -1.18
C GLY A 19 -1.15 6.66 -2.41
N GLU A 20 -1.71 5.46 -2.34
CA GLU A 20 -2.44 4.88 -3.46
C GLU A 20 -3.41 3.80 -2.98
N ILE A 21 -4.61 3.79 -3.54
CA ILE A 21 -5.62 2.82 -3.17
C ILE A 21 -5.69 1.69 -4.21
N PHE A 22 -5.39 0.47 -3.78
CA PHE A 22 -5.42 -0.69 -4.66
C PHE A 22 -6.60 -1.60 -4.31
N PHE A 23 -7.07 -2.34 -5.30
CA PHE A 23 -8.20 -3.26 -5.10
C PHE A 23 -7.70 -4.64 -4.70
N GLN A 24 -6.92 -5.27 -5.59
CA GLN A 24 -6.38 -6.59 -5.33
C GLN A 24 -5.27 -6.54 -4.29
N TYR A 25 -5.32 -7.45 -3.33
CA TYR A 25 -4.31 -7.51 -2.28
C TYR A 25 -2.95 -7.87 -2.85
N VAL A 26 -2.93 -8.89 -3.71
CA VAL A 26 -1.69 -9.34 -4.33
C VAL A 26 -0.98 -8.19 -5.03
N SER A 27 -1.76 -7.25 -5.56
CA SER A 27 -1.20 -6.11 -6.26
C SER A 27 -0.54 -5.14 -5.30
N LEU A 28 -1.04 -5.10 -4.07
CA LEU A 28 -0.49 -4.23 -3.05
C LEU A 28 0.89 -4.70 -2.60
N ILE A 29 0.96 -5.94 -2.13
CA ILE A 29 2.22 -6.51 -1.67
C ILE A 29 3.33 -6.29 -2.70
N GLU A 30 2.94 -6.21 -3.97
CA GLU A 30 3.90 -6.00 -5.04
C GLU A 30 4.28 -4.53 -5.16
N HIS A 31 3.27 -3.66 -5.13
CA HIS A 31 3.50 -2.22 -5.23
C HIS A 31 4.40 -1.73 -4.10
N GLN A 32 4.14 -2.23 -2.89
CA GLN A 32 4.92 -1.85 -1.72
C GLN A 32 6.41 -2.04 -1.98
N VAL A 33 6.76 -3.20 -2.54
CA VAL A 33 8.15 -3.53 -2.83
C VAL A 33 8.86 -2.35 -3.47
N LEU A 34 8.18 -1.69 -4.41
CA LEU A 34 8.76 -0.54 -5.10
C LEU A 34 9.49 0.38 -4.12
N HIS A 35 8.83 0.71 -3.01
CA HIS A 35 9.42 1.57 -2.00
C HIS A 35 10.63 0.90 -1.35
N MET A 36 10.48 -0.38 -1.02
CA MET A 36 11.56 -1.13 -0.39
C MET A 36 12.90 -0.80 -1.03
N GLY A 37 13.80 -0.23 -0.23
CA GLY A 37 15.11 0.14 -0.74
C GLY A 37 15.26 1.64 -0.94
N GLN A 38 15.39 2.37 0.15
CA GLN A 38 15.54 3.82 0.09
C GLN A 38 15.97 4.38 1.44
N LYS A 39 16.97 5.25 1.42
CA LYS A 39 17.47 5.86 2.65
C LYS A 39 16.38 6.67 3.33
N ASN A 40 16.61 6.99 4.61
CA ASN A 40 15.65 7.77 5.38
C ASN A 40 16.09 9.23 5.52
N SER A 41 15.67 10.05 4.56
CA SER A 41 16.04 11.46 4.57
C SER A 41 14.81 12.34 4.80
N GLY A 42 13.81 12.18 3.93
CA GLY A 42 12.60 12.95 4.06
C GLY A 42 12.23 13.66 2.76
N PRO A 43 11.56 12.93 1.86
CA PRO A 43 11.13 13.46 0.56
C PRO A 43 10.01 14.48 0.70
N SER A 44 9.10 14.23 1.64
CA SER A 44 7.97 15.14 1.86
C SER A 44 8.00 15.69 3.29
N SER A 45 8.84 16.69 3.51
CA SER A 45 8.97 17.31 4.83
C SER A 45 8.23 18.64 4.88
N GLY A 46 7.87 19.06 6.08
CA GLY A 46 7.15 20.31 6.25
C GLY A 46 7.40 20.95 7.60
ZN ZN B . 2.97 3.17 -2.34
N GLY A 1 -1.85 9.10 18.18
CA GLY A 1 -0.74 9.97 18.50
C GLY A 1 -0.69 11.20 17.62
N SER A 2 0.00 11.09 16.49
CA SER A 2 0.13 12.20 15.56
C SER A 2 -1.24 12.71 15.11
N SER A 3 -1.35 14.01 14.90
CA SER A 3 -2.61 14.62 14.48
C SER A 3 -2.82 14.44 12.97
N GLY A 4 -3.59 13.41 12.61
CA GLY A 4 -3.86 13.15 11.21
C GLY A 4 -5.06 12.26 11.01
N SER A 5 -4.86 10.95 11.07
CA SER A 5 -5.94 9.99 10.90
C SER A 5 -5.54 8.61 11.42
N SER A 6 -6.52 7.86 11.89
CA SER A 6 -6.28 6.54 12.43
C SER A 6 -7.49 5.63 12.24
N GLY A 7 -7.31 4.34 12.52
CA GLY A 7 -8.41 3.40 12.37
C GLY A 7 -8.15 2.37 11.28
N SER A 8 -7.35 1.35 11.61
CA SER A 8 -7.03 0.31 10.65
C SER A 8 -8.22 -0.03 9.76
N ARG A 9 -7.99 -0.05 8.46
CA ARG A 9 -9.06 -0.36 7.51
C ARG A 9 -8.87 -1.75 6.90
N GLU A 10 -9.83 -2.63 7.15
CA GLU A 10 -9.76 -3.99 6.64
C GLU A 10 -10.48 -4.10 5.29
N LYS A 11 -11.68 -3.56 5.22
CA LYS A 11 -12.48 -3.59 4.00
C LYS A 11 -11.61 -3.29 2.78
N SER A 12 -10.85 -2.21 2.86
CA SER A 12 -9.97 -1.82 1.76
C SER A 12 -8.53 -1.66 2.24
N HIS A 13 -7.60 -1.59 1.30
CA HIS A 13 -6.19 -1.45 1.63
C HIS A 13 -5.59 -0.25 0.91
N GLN A 14 -4.82 0.56 1.64
CA GLN A 14 -4.20 1.75 1.08
C GLN A 14 -2.74 1.86 1.54
N CYS A 15 -1.92 2.50 0.71
CA CYS A 15 -0.51 2.68 1.04
C CYS A 15 -0.25 4.08 1.58
N ARG A 16 0.74 4.19 2.47
CA ARG A 16 1.08 5.48 3.07
C ARG A 16 2.32 6.07 2.41
N GLU A 17 3.28 5.20 2.10
CA GLU A 17 4.53 5.64 1.47
C GLU A 17 4.25 6.66 0.36
N CYS A 18 3.33 6.31 -0.54
CA CYS A 18 2.98 7.19 -1.64
C CYS A 18 1.59 7.80 -1.42
N GLY A 19 0.64 6.96 -1.01
CA GLY A 19 -0.71 7.44 -0.78
C GLY A 19 -1.66 7.04 -1.89
N GLU A 20 -1.83 5.75 -2.10
CA GLU A 20 -2.71 5.25 -3.15
C GLU A 20 -3.44 4.00 -2.68
N ILE A 21 -4.64 3.79 -3.22
CA ILE A 21 -5.44 2.63 -2.86
C ILE A 21 -5.42 1.58 -3.97
N PHE A 22 -5.56 0.31 -3.58
CA PHE A 22 -5.56 -0.79 -4.55
C PHE A 22 -6.86 -1.59 -4.46
N PHE A 23 -7.15 -2.34 -5.52
CA PHE A 23 -8.35 -3.15 -5.56
C PHE A 23 -8.09 -4.56 -5.03
N GLN A 24 -7.03 -5.19 -5.55
CA GLN A 24 -6.67 -6.54 -5.13
C GLN A 24 -5.61 -6.50 -4.03
N TYR A 25 -5.25 -7.67 -3.53
CA TYR A 25 -4.24 -7.77 -2.47
C TYR A 25 -2.84 -7.87 -3.06
N VAL A 26 -2.70 -8.72 -4.08
CA VAL A 26 -1.40 -8.90 -4.73
C VAL A 26 -0.83 -7.58 -5.23
N SER A 27 -1.73 -6.71 -5.68
CA SER A 27 -1.32 -5.40 -6.19
C SER A 27 -0.66 -4.57 -5.09
N LEU A 28 -0.90 -4.96 -3.85
CA LEU A 28 -0.33 -4.25 -2.70
C LEU A 28 1.00 -4.87 -2.29
N ILE A 29 0.96 -6.10 -1.81
CA ILE A 29 2.16 -6.80 -1.39
C ILE A 29 3.28 -6.65 -2.42
N GLU A 30 2.89 -6.52 -3.69
CA GLU A 30 3.85 -6.37 -4.77
C GLU A 30 4.32 -4.92 -4.89
N HIS A 31 3.37 -3.99 -4.83
CA HIS A 31 3.68 -2.57 -4.93
C HIS A 31 4.69 -2.16 -3.87
N GLN A 32 4.46 -2.61 -2.63
CA GLN A 32 5.35 -2.29 -1.53
C GLN A 32 6.82 -2.44 -1.94
N VAL A 33 7.11 -3.51 -2.67
CA VAL A 33 8.47 -3.77 -3.14
C VAL A 33 9.09 -2.51 -3.74
N LEU A 34 8.37 -1.90 -4.67
CA LEU A 34 8.85 -0.69 -5.33
C LEU A 34 9.49 0.26 -4.32
N HIS A 35 8.72 0.62 -3.30
CA HIS A 35 9.21 1.53 -2.26
C HIS A 35 10.50 1.01 -1.65
N MET A 36 10.48 -0.25 -1.22
CA MET A 36 11.65 -0.87 -0.61
C MET A 36 12.86 -0.78 -1.53
N GLY A 37 13.81 0.08 -1.16
CA GLY A 37 15.01 0.25 -1.97
C GLY A 37 16.13 -0.67 -1.54
N GLN A 38 17.31 -0.48 -2.14
CA GLN A 38 18.46 -1.31 -1.81
C GLN A 38 19.34 -0.63 -0.77
N LYS A 39 19.00 -0.80 0.50
CA LYS A 39 19.75 -0.21 1.60
C LYS A 39 20.44 -1.28 2.42
N ASN A 40 21.77 -1.22 2.49
CA ASN A 40 22.54 -2.18 3.26
C ASN A 40 22.22 -2.09 4.75
N SER A 41 21.83 -3.21 5.33
CA SER A 41 21.50 -3.25 6.75
C SER A 41 22.64 -3.85 7.57
N GLY A 42 22.51 -3.81 8.89
CA GLY A 42 23.53 -4.35 9.76
C GLY A 42 23.75 -5.83 9.54
N PRO A 43 24.88 -6.34 10.06
CA PRO A 43 25.24 -7.75 9.93
C PRO A 43 24.33 -8.66 10.76
N SER A 44 24.00 -9.83 10.20
CA SER A 44 23.13 -10.78 10.88
C SER A 44 23.85 -12.11 11.09
N SER A 45 23.40 -12.86 12.10
CA SER A 45 24.00 -14.16 12.41
C SER A 45 23.25 -15.29 11.71
N GLY A 46 23.84 -15.81 10.63
CA GLY A 46 23.22 -16.89 9.90
C GLY A 46 23.79 -17.04 8.50
ZN ZN B . 3.12 3.09 -1.95
N GLY A 1 -32.90 2.00 9.56
CA GLY A 1 -31.74 1.11 9.64
C GLY A 1 -30.69 1.44 8.60
N SER A 2 -29.88 2.46 8.87
CA SER A 2 -28.84 2.87 7.94
C SER A 2 -27.81 3.75 8.65
N SER A 3 -26.53 3.48 8.36
CA SER A 3 -25.44 4.25 8.97
C SER A 3 -25.59 5.74 8.69
N GLY A 4 -25.59 6.09 7.40
CA GLY A 4 -25.73 7.48 7.02
C GLY A 4 -25.10 7.76 5.66
N SER A 5 -24.58 8.98 5.50
CA SER A 5 -23.96 9.39 4.25
C SER A 5 -22.57 9.97 4.50
N SER A 6 -21.57 9.10 4.46
CA SER A 6 -20.19 9.52 4.69
C SER A 6 -19.31 9.18 3.49
N GLY A 7 -19.25 7.88 3.16
CA GLY A 7 -18.44 7.44 2.03
C GLY A 7 -16.97 7.33 2.38
N SER A 8 -16.57 6.18 2.89
CA SER A 8 -15.18 5.95 3.27
C SER A 8 -14.65 4.65 2.66
N ARG A 9 -13.34 4.57 2.52
CA ARG A 9 -12.71 3.38 1.94
C ARG A 9 -12.26 2.42 3.05
N GLU A 10 -13.14 1.48 3.40
CA GLU A 10 -12.82 0.51 4.43
C GLU A 10 -12.52 -0.86 3.83
N LYS A 11 -12.29 -1.85 4.69
CA LYS A 11 -11.99 -3.20 4.24
C LYS A 11 -11.02 -3.17 3.05
N SER A 12 -10.14 -2.20 3.03
CA SER A 12 -9.17 -2.06 1.95
C SER A 12 -7.75 -2.02 2.49
N HIS A 13 -6.77 -2.06 1.59
CA HIS A 13 -5.37 -2.03 1.98
C HIS A 13 -4.67 -0.80 1.41
N GLN A 14 -4.79 0.32 2.13
CA GLN A 14 -4.17 1.57 1.71
C GLN A 14 -2.69 1.60 2.07
N CYS A 15 -1.91 2.35 1.30
CA CYS A 15 -0.47 2.46 1.53
C CYS A 15 -0.16 3.71 2.35
N ARG A 16 0.63 3.53 3.40
CA ARG A 16 1.00 4.64 4.27
C ARG A 16 2.41 5.13 3.94
N GLU A 17 2.71 5.23 2.65
CA GLU A 17 4.02 5.68 2.20
C GLU A 17 3.89 6.76 1.13
N CYS A 18 3.05 6.51 0.14
CA CYS A 18 2.83 7.45 -0.94
C CYS A 18 1.35 7.84 -1.03
N GLY A 19 0.48 6.84 -0.96
CA GLY A 19 -0.94 7.11 -1.04
C GLY A 19 -1.61 6.36 -2.18
N GLU A 20 -2.03 5.13 -1.92
CA GLU A 20 -2.69 4.32 -2.94
C GLU A 20 -3.44 3.14 -2.30
N ILE A 21 -4.49 2.69 -2.96
CA ILE A 21 -5.29 1.58 -2.47
C ILE A 21 -5.58 0.57 -3.56
N PHE A 22 -5.13 -0.66 -3.35
CA PHE A 22 -5.34 -1.73 -4.32
C PHE A 22 -6.40 -2.71 -3.83
N PHE A 23 -7.21 -3.21 -4.77
CA PHE A 23 -8.26 -4.16 -4.43
C PHE A 23 -7.68 -5.51 -4.04
N GLN A 24 -6.90 -6.09 -4.95
CA GLN A 24 -6.28 -7.39 -4.69
C GLN A 24 -5.00 -7.24 -3.88
N TYR A 25 -4.89 -8.02 -2.81
CA TYR A 25 -3.72 -7.97 -1.95
C TYR A 25 -2.43 -8.16 -2.75
N VAL A 26 -2.44 -9.17 -3.63
CA VAL A 26 -1.28 -9.47 -4.46
C VAL A 26 -0.74 -8.20 -5.11
N SER A 27 -1.62 -7.26 -5.39
CA SER A 27 -1.24 -6.00 -6.03
C SER A 27 -0.48 -5.11 -5.04
N LEU A 28 -0.87 -5.17 -3.78
CA LEU A 28 -0.23 -4.38 -2.74
C LEU A 28 1.21 -4.82 -2.52
N ILE A 29 1.40 -6.08 -2.16
CA ILE A 29 2.73 -6.64 -1.93
C ILE A 29 3.68 -6.26 -3.05
N GLU A 30 3.13 -6.12 -4.26
CA GLU A 30 3.94 -5.76 -5.42
C GLU A 30 4.29 -4.27 -5.40
N HIS A 31 3.27 -3.43 -5.24
CA HIS A 31 3.46 -1.99 -5.20
C HIS A 31 4.58 -1.62 -4.24
N GLN A 32 4.55 -2.20 -3.05
CA GLN A 32 5.55 -1.94 -2.02
C GLN A 32 6.96 -2.01 -2.62
N VAL A 33 7.14 -2.91 -3.58
CA VAL A 33 8.44 -3.10 -4.22
C VAL A 33 8.89 -1.80 -4.89
N LEU A 34 7.97 -1.12 -5.56
CA LEU A 34 8.28 0.13 -6.25
C LEU A 34 8.98 1.10 -5.31
N HIS A 35 8.66 1.03 -4.02
CA HIS A 35 9.26 1.91 -3.03
C HIS A 35 10.75 1.57 -2.85
N MET A 36 11.02 0.45 -2.18
CA MET A 36 12.39 0.02 -1.95
C MET A 36 13.22 0.12 -3.23
N GLY A 37 12.60 -0.20 -4.35
CA GLY A 37 13.29 -0.15 -5.63
C GLY A 37 14.26 1.02 -5.70
N GLN A 38 13.84 2.17 -5.21
CA GLN A 38 14.67 3.37 -5.22
C GLN A 38 16.05 3.08 -4.65
N LYS A 39 17.08 3.71 -5.22
CA LYS A 39 18.44 3.51 -4.77
C LYS A 39 19.12 4.86 -4.50
N ASN A 40 19.93 4.90 -3.44
CA ASN A 40 20.64 6.13 -3.09
C ASN A 40 22.14 5.90 -3.03
N SER A 41 22.92 6.96 -3.21
CA SER A 41 24.37 6.86 -3.18
C SER A 41 24.88 6.06 -4.37
N GLY A 42 24.32 6.35 -5.54
CA GLY A 42 24.75 5.64 -6.75
C GLY A 42 24.07 6.19 -8.00
N PRO A 43 24.33 7.46 -8.30
CA PRO A 43 23.76 8.13 -9.48
C PRO A 43 24.33 7.59 -10.79
N SER A 44 23.66 7.90 -11.89
CA SER A 44 24.10 7.45 -13.21
C SER A 44 24.66 8.61 -14.02
N SER A 45 25.93 8.49 -14.39
CA SER A 45 26.59 9.54 -15.18
C SER A 45 25.70 10.01 -16.32
N GLY A 46 25.01 11.13 -16.11
CA GLY A 46 24.13 11.66 -17.14
C GLY A 46 23.67 13.07 -16.82
ZN ZN B . 3.05 3.45 -1.67
N GLY A 1 -37.53 5.25 15.10
CA GLY A 1 -36.46 4.75 14.25
C GLY A 1 -35.13 4.72 14.96
N SER A 2 -34.72 3.54 15.42
CA SER A 2 -33.46 3.39 16.14
C SER A 2 -32.30 3.92 15.30
N SER A 3 -31.47 4.76 15.91
CA SER A 3 -30.33 5.34 15.23
C SER A 3 -29.16 5.54 16.19
N GLY A 4 -27.98 5.81 15.64
CA GLY A 4 -26.80 6.02 16.45
C GLY A 4 -25.53 5.59 15.76
N SER A 5 -25.36 4.29 15.57
CA SER A 5 -24.17 3.75 14.91
C SER A 5 -24.44 3.46 13.44
N SER A 6 -24.15 4.43 12.59
CA SER A 6 -24.36 4.29 11.15
C SER A 6 -23.10 4.62 10.37
N GLY A 7 -22.51 3.62 9.75
CA GLY A 7 -21.30 3.82 8.97
C GLY A 7 -21.04 2.70 7.98
N SER A 8 -20.21 2.98 6.98
CA SER A 8 -19.90 2.00 5.95
C SER A 8 -18.39 1.94 5.71
N ARG A 9 -17.80 0.78 5.97
CA ARG A 9 -16.37 0.59 5.78
C ARG A 9 -16.09 -0.54 4.79
N GLU A 10 -14.86 -0.62 4.31
CA GLU A 10 -14.48 -1.65 3.36
C GLU A 10 -13.17 -2.32 3.78
N LYS A 11 -12.80 -3.39 3.07
CA LYS A 11 -11.57 -4.12 3.38
C LYS A 11 -10.51 -3.84 2.33
N SER A 12 -9.81 -2.72 2.49
CA SER A 12 -8.75 -2.34 1.55
C SER A 12 -7.44 -2.06 2.28
N HIS A 13 -6.34 -2.08 1.54
CA HIS A 13 -5.03 -1.84 2.12
C HIS A 13 -4.36 -0.63 1.47
N GLN A 14 -4.53 0.53 2.08
CA GLN A 14 -3.95 1.76 1.56
C GLN A 14 -2.48 1.89 1.98
N CYS A 15 -1.64 2.35 1.05
CA CYS A 15 -0.22 2.52 1.32
C CYS A 15 0.04 3.84 2.03
N ARG A 16 1.16 3.92 2.74
CA ARG A 16 1.53 5.12 3.46
C ARG A 16 2.70 5.83 2.78
N GLU A 17 3.57 5.05 2.14
CA GLU A 17 4.72 5.60 1.46
C GLU A 17 4.32 6.75 0.54
N CYS A 18 3.36 6.48 -0.35
CA CYS A 18 2.87 7.49 -1.28
C CYS A 18 1.40 7.80 -1.04
N GLY A 19 0.62 6.75 -0.82
CA GLY A 19 -0.80 6.93 -0.58
C GLY A 19 -1.65 6.48 -1.75
N GLU A 20 -2.00 5.19 -1.78
CA GLU A 20 -2.82 4.65 -2.86
C GLU A 20 -3.76 3.57 -2.34
N ILE A 21 -4.93 3.46 -2.98
CA ILE A 21 -5.92 2.47 -2.58
C ILE A 21 -5.99 1.32 -3.58
N PHE A 22 -5.98 0.10 -3.06
CA PHE A 22 -6.04 -1.10 -3.89
C PHE A 22 -7.08 -2.08 -3.38
N PHE A 23 -7.46 -3.03 -4.21
CA PHE A 23 -8.45 -4.04 -3.84
C PHE A 23 -7.80 -5.41 -3.69
N GLN A 24 -6.88 -5.73 -4.59
CA GLN A 24 -6.20 -7.01 -4.56
C GLN A 24 -4.93 -6.93 -3.70
N TYR A 25 -4.88 -7.76 -2.67
CA TYR A 25 -3.73 -7.79 -1.76
C TYR A 25 -2.43 -7.84 -2.55
N VAL A 26 -2.44 -8.58 -3.66
CA VAL A 26 -1.25 -8.72 -4.49
C VAL A 26 -0.72 -7.36 -4.92
N SER A 27 -1.63 -6.41 -5.14
CA SER A 27 -1.25 -5.07 -5.56
C SER A 27 -0.44 -4.37 -4.49
N LEU A 28 -0.71 -4.71 -3.23
CA LEU A 28 0.01 -4.12 -2.11
C LEU A 28 1.41 -4.71 -1.98
N ILE A 29 1.48 -6.01 -1.71
CA ILE A 29 2.75 -6.69 -1.58
C ILE A 29 3.68 -6.38 -2.74
N GLU A 30 3.10 -6.19 -3.92
CA GLU A 30 3.88 -5.88 -5.11
C GLU A 30 4.13 -4.37 -5.20
N HIS A 31 3.20 -3.58 -4.70
CA HIS A 31 3.33 -2.12 -4.74
C HIS A 31 4.44 -1.66 -3.81
N GLN A 32 4.62 -2.37 -2.70
CA GLN A 32 5.65 -2.03 -1.73
C GLN A 32 7.04 -2.29 -2.30
N VAL A 33 7.13 -3.23 -3.23
CA VAL A 33 8.40 -3.57 -3.86
C VAL A 33 8.93 -2.42 -4.70
N LEU A 34 8.08 -1.90 -5.59
CA LEU A 34 8.47 -0.79 -6.46
C LEU A 34 9.17 0.29 -5.66
N HIS A 35 8.55 0.73 -4.57
CA HIS A 35 9.12 1.78 -3.72
C HIS A 35 10.61 1.54 -3.51
N MET A 36 10.98 0.28 -3.30
CA MET A 36 12.38 -0.08 -3.08
C MET A 36 13.11 -0.28 -4.40
N GLY A 37 12.81 0.59 -5.37
CA GLY A 37 13.45 0.50 -6.67
C GLY A 37 14.52 1.56 -6.87
N GLN A 38 15.09 1.59 -8.06
CA GLN A 38 16.14 2.57 -8.38
C GLN A 38 15.67 3.53 -9.47
N LYS A 39 15.09 4.65 -9.05
CA LYS A 39 14.61 5.66 -10.00
C LYS A 39 15.21 7.03 -9.69
N ASN A 40 16.15 7.45 -10.53
CA ASN A 40 16.80 8.74 -10.34
C ASN A 40 15.91 9.87 -10.82
N SER A 41 15.56 9.85 -12.10
CA SER A 41 14.71 10.87 -12.68
C SER A 41 13.23 10.59 -12.41
N GLY A 42 12.37 11.53 -12.78
CA GLY A 42 10.95 11.35 -12.57
C GLY A 42 10.12 11.91 -13.70
N PRO A 43 8.92 11.33 -13.91
CA PRO A 43 8.01 11.75 -14.98
C PRO A 43 7.40 13.12 -14.70
N SER A 44 8.08 14.17 -15.14
CA SER A 44 7.62 15.53 -14.93
C SER A 44 6.77 16.01 -16.12
N SER A 45 5.46 15.79 -16.03
CA SER A 45 4.55 16.19 -17.09
C SER A 45 4.15 17.66 -16.95
N GLY A 46 4.28 18.41 -18.04
CA GLY A 46 3.94 19.82 -18.02
C GLY A 46 2.69 20.12 -18.83
ZN ZN B . 3.00 3.59 -1.96
N GLY A 1 -21.67 1.13 28.09
CA GLY A 1 -20.26 1.47 28.03
C GLY A 1 -19.76 1.57 26.60
N SER A 2 -18.66 0.87 26.32
CA SER A 2 -18.06 0.89 24.98
C SER A 2 -19.02 0.28 23.95
N SER A 3 -19.22 1.00 22.85
CA SER A 3 -20.11 0.53 21.80
C SER A 3 -19.38 -0.41 20.84
N GLY A 4 -19.86 -1.65 20.75
CA GLY A 4 -19.23 -2.62 19.87
C GLY A 4 -20.00 -2.81 18.58
N SER A 5 -20.05 -1.76 17.76
CA SER A 5 -20.77 -1.82 16.50
C SER A 5 -20.26 -0.73 15.54
N SER A 6 -20.28 -1.04 14.25
CA SER A 6 -19.83 -0.10 13.24
C SER A 6 -18.50 0.53 13.64
N GLY A 7 -17.59 -0.30 14.14
CA GLY A 7 -16.29 0.19 14.55
C GLY A 7 -15.16 -0.34 13.70
N SER A 8 -15.39 -0.40 12.38
CA SER A 8 -14.39 -0.90 11.45
C SER A 8 -14.76 -0.53 10.02
N ARG A 9 -13.95 0.34 9.41
CA ARG A 9 -14.19 0.78 8.04
C ARG A 9 -13.00 0.45 7.15
N GLU A 10 -12.46 -0.76 7.30
CA GLU A 10 -11.31 -1.18 6.52
C GLU A 10 -11.69 -2.33 5.59
N LYS A 11 -11.68 -2.06 4.29
CA LYS A 11 -12.03 -3.07 3.29
C LYS A 11 -10.94 -3.16 2.22
N SER A 12 -10.30 -2.04 1.94
CA SER A 12 -9.24 -2.00 0.93
C SER A 12 -7.86 -1.96 1.59
N HIS A 13 -6.82 -1.99 0.77
CA HIS A 13 -5.45 -1.97 1.27
C HIS A 13 -4.75 -0.69 0.85
N GLN A 14 -5.02 0.40 1.58
CA GLN A 14 -4.40 1.68 1.29
C GLN A 14 -2.93 1.70 1.70
N CYS A 15 -2.15 2.52 1.02
CA CYS A 15 -0.72 2.64 1.31
C CYS A 15 -0.41 3.95 2.03
N ARG A 16 0.64 3.94 2.85
CA ARG A 16 1.05 5.13 3.59
C ARG A 16 2.33 5.72 3.01
N GLU A 17 3.18 4.85 2.47
CA GLU A 17 4.45 5.29 1.89
C GLU A 17 4.23 6.47 0.94
N CYS A 18 3.23 6.36 0.09
CA CYS A 18 2.92 7.41 -0.87
C CYS A 18 1.44 7.78 -0.82
N GLY A 19 0.58 6.77 -0.79
CA GLY A 19 -0.85 7.00 -0.73
C GLY A 19 -1.57 6.47 -1.95
N GLU A 20 -1.81 5.16 -1.96
CA GLU A 20 -2.50 4.53 -3.08
C GLU A 20 -3.54 3.52 -2.58
N ILE A 21 -4.57 3.30 -3.39
CA ILE A 21 -5.64 2.36 -3.04
C ILE A 21 -5.73 1.23 -4.04
N PHE A 22 -6.04 0.03 -3.54
CA PHE A 22 -6.16 -1.14 -4.41
C PHE A 22 -7.24 -2.08 -3.88
N PHE A 23 -7.66 -3.02 -4.73
CA PHE A 23 -8.69 -3.98 -4.36
C PHE A 23 -8.20 -5.40 -4.53
N GLN A 24 -6.90 -5.60 -4.31
CA GLN A 24 -6.29 -6.92 -4.44
C GLN A 24 -5.16 -7.11 -3.43
N TYR A 25 -4.54 -8.27 -3.45
CA TYR A 25 -3.45 -8.58 -2.53
C TYR A 25 -2.10 -8.43 -3.24
N VAL A 26 -2.01 -8.92 -4.46
CA VAL A 26 -0.79 -8.84 -5.24
C VAL A 26 -0.44 -7.39 -5.59
N SER A 27 -1.48 -6.59 -5.82
CA SER A 27 -1.29 -5.18 -6.15
C SER A 27 -0.57 -4.44 -5.04
N LEU A 28 -0.89 -4.79 -3.80
CA LEU A 28 -0.27 -4.17 -2.64
C LEU A 28 1.10 -4.76 -2.37
N ILE A 29 1.12 -6.04 -1.98
CA ILE A 29 2.37 -6.73 -1.68
C ILE A 29 3.45 -6.37 -2.70
N GLU A 30 3.04 -6.17 -3.95
CA GLU A 30 3.98 -5.82 -5.02
C GLU A 30 4.28 -4.33 -4.99
N HIS A 31 3.24 -3.52 -4.89
CA HIS A 31 3.40 -2.06 -4.86
C HIS A 31 4.45 -1.66 -3.84
N GLN A 32 4.45 -2.33 -2.69
CA GLN A 32 5.39 -2.03 -1.63
C GLN A 32 6.83 -2.24 -2.11
N VAL A 33 7.06 -3.33 -2.81
CA VAL A 33 8.39 -3.64 -3.34
C VAL A 33 8.98 -2.45 -4.08
N LEU A 34 8.17 -1.86 -4.97
CA LEU A 34 8.62 -0.71 -5.74
C LEU A 34 9.30 0.33 -4.85
N HIS A 35 8.60 0.74 -3.79
CA HIS A 35 9.14 1.72 -2.86
C HIS A 35 10.58 1.39 -2.49
N MET A 36 10.76 0.26 -1.81
CA MET A 36 12.10 -0.17 -1.39
C MET A 36 12.90 -0.67 -2.59
N GLY A 37 14.22 -0.70 -2.43
CA GLY A 37 15.09 -1.17 -3.51
C GLY A 37 16.46 -1.55 -3.02
N GLN A 38 17.49 -1.12 -3.74
CA GLN A 38 18.86 -1.42 -3.38
C GLN A 38 19.57 -0.19 -2.82
N LYS A 39 18.83 0.60 -2.04
CA LYS A 39 19.39 1.81 -1.44
C LYS A 39 19.26 1.77 0.08
N ASN A 40 18.02 1.71 0.56
CA ASN A 40 17.77 1.67 2.00
C ASN A 40 17.91 0.25 2.53
N SER A 41 19.14 -0.16 2.82
CA SER A 41 19.41 -1.49 3.33
C SER A 41 18.38 -1.88 4.39
N GLY A 42 17.96 -3.14 4.35
CA GLY A 42 16.98 -3.63 5.31
C GLY A 42 17.31 -3.20 6.73
N PRO A 43 16.27 -3.15 7.59
CA PRO A 43 16.43 -2.76 8.99
C PRO A 43 17.18 -3.82 9.80
N SER A 44 17.84 -3.38 10.87
CA SER A 44 18.60 -4.28 11.73
C SER A 44 17.66 -5.07 12.63
N SER A 45 18.23 -6.04 13.35
CA SER A 45 17.44 -6.87 14.26
C SER A 45 17.32 -6.21 15.62
N GLY A 46 16.30 -6.62 16.38
CA GLY A 46 16.09 -6.07 17.71
C GLY A 46 15.84 -7.13 18.76
ZN ZN B . 2.91 3.52 -1.78
N GLY A 1 -30.05 0.98 14.21
CA GLY A 1 -28.67 1.35 13.92
C GLY A 1 -28.38 2.80 14.26
N SER A 2 -27.10 3.11 14.41
CA SER A 2 -26.69 4.48 14.75
C SER A 2 -25.45 4.89 13.96
N SER A 3 -25.24 6.19 13.84
CA SER A 3 -24.09 6.71 13.11
C SER A 3 -22.87 5.84 13.31
N GLY A 4 -22.57 5.01 12.31
CA GLY A 4 -21.42 4.13 12.40
C GLY A 4 -21.35 3.15 11.23
N SER A 5 -20.81 1.96 11.49
CA SER A 5 -20.68 0.94 10.45
C SER A 5 -22.04 0.35 10.10
N SER A 6 -22.99 0.46 11.02
CA SER A 6 -24.33 -0.06 10.81
C SER A 6 -24.29 -1.36 10.01
N GLY A 7 -23.35 -2.24 10.37
CA GLY A 7 -23.22 -3.52 9.68
C GLY A 7 -21.82 -4.08 9.77
N SER A 8 -21.38 -4.75 8.71
CA SER A 8 -20.06 -5.35 8.68
C SER A 8 -18.98 -4.27 8.77
N ARG A 9 -17.73 -4.71 8.93
CA ARG A 9 -16.60 -3.80 9.02
C ARG A 9 -15.72 -3.87 7.78
N GLU A 10 -16.08 -3.10 6.75
CA GLU A 10 -15.33 -3.09 5.51
C GLU A 10 -13.84 -2.93 5.78
N LYS A 11 -13.03 -3.03 4.72
CA LYS A 11 -11.59 -2.90 4.85
C LYS A 11 -10.96 -2.56 3.50
N SER A 12 -9.80 -1.91 3.54
CA SER A 12 -9.10 -1.53 2.33
C SER A 12 -7.60 -1.73 2.48
N HIS A 13 -6.89 -1.76 1.35
CA HIS A 13 -5.45 -1.94 1.36
C HIS A 13 -4.73 -0.76 0.69
N GLN A 14 -4.58 0.31 1.45
CA GLN A 14 -3.93 1.52 0.93
C GLN A 14 -2.44 1.53 1.31
N CYS A 15 -1.67 2.36 0.62
CA CYS A 15 -0.24 2.46 0.88
C CYS A 15 0.07 3.69 1.74
N ARG A 16 0.72 3.47 2.88
CA ARG A 16 1.07 4.55 3.78
C ARG A 16 2.50 5.00 3.56
N GLU A 17 2.92 5.05 2.30
CA GLU A 17 4.27 5.46 1.96
C GLU A 17 4.25 6.49 0.83
N CYS A 18 3.30 6.35 -0.08
CA CYS A 18 3.17 7.27 -1.21
C CYS A 18 1.74 7.75 -1.35
N GLY A 19 0.78 6.85 -1.13
CA GLY A 19 -0.62 7.21 -1.25
C GLY A 19 -1.29 6.54 -2.43
N GLU A 20 -1.46 5.22 -2.36
CA GLU A 20 -2.09 4.48 -3.43
C GLU A 20 -3.05 3.42 -2.87
N ILE A 21 -4.23 3.34 -3.47
CA ILE A 21 -5.24 2.38 -3.04
C ILE A 21 -5.48 1.31 -4.11
N PHE A 22 -5.50 0.05 -3.68
CA PHE A 22 -5.72 -1.06 -4.60
C PHE A 22 -6.92 -1.91 -4.15
N PHE A 23 -7.21 -2.95 -4.91
CA PHE A 23 -8.32 -3.84 -4.59
C PHE A 23 -7.82 -5.19 -4.10
N GLN A 24 -6.88 -5.77 -4.82
CA GLN A 24 -6.32 -7.06 -4.45
C GLN A 24 -5.07 -6.88 -3.60
N TYR A 25 -4.82 -7.86 -2.73
CA TYR A 25 -3.66 -7.81 -1.84
C TYR A 25 -2.36 -7.84 -2.65
N VAL A 26 -2.32 -8.71 -3.66
CA VAL A 26 -1.14 -8.84 -4.51
C VAL A 26 -0.77 -7.52 -5.16
N SER A 27 -1.79 -6.71 -5.47
CA SER A 27 -1.58 -5.42 -6.09
C SER A 27 -0.82 -4.48 -5.15
N LEU A 28 -0.89 -4.77 -3.86
CA LEU A 28 -0.21 -3.95 -2.86
C LEU A 28 1.20 -4.46 -2.59
N ILE A 29 1.29 -5.64 -1.97
CA ILE A 29 2.58 -6.24 -1.66
C ILE A 29 3.57 -6.00 -2.80
N GLU A 30 3.10 -6.08 -4.03
CA GLU A 30 3.94 -5.87 -5.20
C GLU A 30 4.34 -4.40 -5.33
N HIS A 31 3.34 -3.53 -5.30
CA HIS A 31 3.58 -2.09 -5.42
C HIS A 31 4.62 -1.63 -4.41
N GLN A 32 4.47 -2.07 -3.16
CA GLN A 32 5.40 -1.70 -2.10
C GLN A 32 6.84 -1.94 -2.53
N VAL A 33 7.06 -3.04 -3.25
CA VAL A 33 8.40 -3.39 -3.73
C VAL A 33 9.12 -2.16 -4.27
N LEU A 34 8.48 -1.46 -5.20
CA LEU A 34 9.07 -0.28 -5.80
C LEU A 34 9.73 0.60 -4.75
N HIS A 35 9.05 0.79 -3.63
CA HIS A 35 9.57 1.60 -2.53
C HIS A 35 10.82 0.97 -1.95
N MET A 36 10.67 -0.20 -1.36
CA MET A 36 11.79 -0.91 -0.75
C MET A 36 12.86 -1.24 -1.80
N GLY A 37 13.88 -0.40 -1.88
CA GLY A 37 14.95 -0.61 -2.84
C GLY A 37 16.30 -0.19 -2.31
N GLN A 38 17.35 -0.48 -3.08
CA GLN A 38 18.71 -0.13 -2.68
C GLN A 38 19.39 0.71 -3.75
N LYS A 39 19.35 2.02 -3.59
CA LYS A 39 19.97 2.92 -4.55
C LYS A 39 21.41 3.22 -4.18
N ASN A 40 22.21 3.66 -5.15
CA ASN A 40 23.61 3.98 -4.90
C ASN A 40 23.98 5.31 -5.54
N SER A 41 25.10 5.88 -5.11
CA SER A 41 25.56 7.16 -5.63
C SER A 41 26.71 6.96 -6.62
N GLY A 42 26.87 7.92 -7.52
CA GLY A 42 27.93 7.84 -8.51
C GLY A 42 29.28 7.54 -7.89
N PRO A 43 30.12 6.78 -8.61
CA PRO A 43 31.47 6.41 -8.14
C PRO A 43 32.42 7.60 -8.09
N SER A 44 32.46 8.36 -9.18
CA SER A 44 33.33 9.52 -9.27
C SER A 44 32.70 10.72 -8.56
N SER A 45 33.52 11.76 -8.33
CA SER A 45 33.04 12.95 -7.65
C SER A 45 31.78 13.50 -8.32
N GLY A 46 30.71 13.63 -7.54
CA GLY A 46 29.46 14.13 -8.08
C GLY A 46 28.33 14.03 -7.08
ZN ZN B . 3.24 3.18 -2.35
N GLY A 1 -14.20 -2.30 11.49
CA GLY A 1 -15.49 -2.44 10.85
C GLY A 1 -16.64 -2.08 11.77
N SER A 2 -16.43 -1.08 12.63
CA SER A 2 -17.45 -0.65 13.58
C SER A 2 -18.71 -0.19 12.84
N SER A 3 -19.56 -1.14 12.48
CA SER A 3 -20.80 -0.83 11.77
C SER A 3 -21.38 0.50 12.25
N GLY A 4 -21.53 1.44 11.32
CA GLY A 4 -22.08 2.74 11.66
C GLY A 4 -22.79 3.39 10.49
N SER A 5 -24.00 2.91 10.20
CA SER A 5 -24.77 3.47 9.09
C SER A 5 -23.87 3.87 7.93
N SER A 6 -22.86 3.06 7.67
CA SER A 6 -21.92 3.33 6.59
C SER A 6 -22.05 2.29 5.47
N GLY A 7 -22.12 1.02 5.85
CA GLY A 7 -22.25 -0.04 4.87
C GLY A 7 -20.99 -0.23 4.06
N SER A 8 -19.91 -0.63 4.72
CA SER A 8 -18.64 -0.84 4.04
C SER A 8 -18.13 -2.26 4.28
N ARG A 9 -18.44 -3.16 3.36
CA ARG A 9 -18.01 -4.55 3.47
C ARG A 9 -16.74 -4.80 2.67
N GLU A 10 -15.77 -3.90 2.83
CA GLU A 10 -14.50 -4.02 2.12
C GLU A 10 -13.35 -3.54 2.99
N LYS A 11 -12.19 -4.18 2.82
CA LYS A 11 -11.00 -3.83 3.60
C LYS A 11 -9.87 -3.39 2.68
N SER A 12 -10.07 -2.28 1.97
CA SER A 12 -9.05 -1.77 1.05
C SER A 12 -7.72 -1.59 1.77
N HIS A 13 -6.65 -1.46 0.98
CA HIS A 13 -5.32 -1.29 1.53
C HIS A 13 -4.70 0.03 1.07
N GLN A 14 -4.43 0.91 2.02
CA GLN A 14 -3.85 2.21 1.70
C GLN A 14 -2.34 2.20 1.94
N CYS A 15 -1.58 2.70 0.97
CA CYS A 15 -0.14 2.75 1.06
C CYS A 15 0.32 3.99 1.84
N ARG A 16 0.92 3.76 2.99
CA ARG A 16 1.41 4.85 3.82
C ARG A 16 2.85 5.20 3.49
N GLU A 17 3.15 5.28 2.20
CA GLU A 17 4.50 5.60 1.73
C GLU A 17 4.46 6.64 0.61
N CYS A 18 3.42 6.55 -0.23
CA CYS A 18 3.27 7.48 -1.34
C CYS A 18 1.87 8.10 -1.35
N GLY A 19 0.86 7.25 -1.17
CA GLY A 19 -0.51 7.73 -1.16
C GLY A 19 -1.36 7.07 -2.24
N GLU A 20 -1.74 5.82 -2.02
CA GLU A 20 -2.55 5.09 -2.99
C GLU A 20 -3.49 4.11 -2.27
N ILE A 21 -4.55 3.72 -2.96
CA ILE A 21 -5.52 2.78 -2.40
C ILE A 21 -5.72 1.58 -3.31
N PHE A 22 -5.76 0.39 -2.71
CA PHE A 22 -5.94 -0.84 -3.48
C PHE A 22 -7.12 -1.63 -2.94
N PHE A 23 -7.36 -2.80 -3.53
CA PHE A 23 -8.46 -3.67 -3.12
C PHE A 23 -7.94 -4.99 -2.59
N GLN A 24 -7.10 -5.65 -3.38
CA GLN A 24 -6.54 -6.94 -3.00
C GLN A 24 -5.17 -6.76 -2.35
N TYR A 25 -4.70 -7.79 -1.66
CA TYR A 25 -3.40 -7.75 -1.00
C TYR A 25 -2.28 -7.99 -2.00
N VAL A 26 -2.49 -8.94 -2.90
CA VAL A 26 -1.49 -9.26 -3.92
C VAL A 26 -1.09 -8.02 -4.71
N SER A 27 -2.00 -7.06 -4.81
CA SER A 27 -1.73 -5.83 -5.54
C SER A 27 -0.87 -4.88 -4.72
N LEU A 28 -1.09 -4.89 -3.40
CA LEU A 28 -0.33 -4.03 -2.51
C LEU A 28 1.10 -4.52 -2.36
N ILE A 29 1.26 -5.78 -2.00
CA ILE A 29 2.58 -6.38 -1.84
C ILE A 29 3.44 -6.14 -3.06
N GLU A 30 2.84 -6.27 -4.25
CA GLU A 30 3.57 -6.05 -5.50
C GLU A 30 4.04 -4.61 -5.62
N HIS A 31 3.14 -3.67 -5.37
CA HIS A 31 3.46 -2.25 -5.45
C HIS A 31 4.60 -1.90 -4.49
N GLN A 32 4.51 -2.41 -3.26
CA GLN A 32 5.52 -2.14 -2.25
C GLN A 32 6.92 -2.28 -2.84
N VAL A 33 7.14 -3.37 -3.59
CA VAL A 33 8.43 -3.63 -4.20
C VAL A 33 9.01 -2.36 -4.82
N LEU A 34 8.19 -1.69 -5.62
CA LEU A 34 8.61 -0.45 -6.28
C LEU A 34 9.44 0.42 -5.33
N HIS A 35 8.92 0.64 -4.14
CA HIS A 35 9.60 1.45 -3.13
C HIS A 35 10.96 0.84 -2.78
N MET A 36 10.93 -0.40 -2.31
CA MET A 36 12.15 -1.10 -1.93
C MET A 36 12.74 -1.85 -3.12
N GLY A 37 13.60 -1.17 -3.88
CA GLY A 37 14.22 -1.79 -5.03
C GLY A 37 15.26 -0.90 -5.68
N GLN A 38 14.83 0.20 -6.28
CA GLN A 38 15.74 1.13 -6.93
C GLN A 38 15.86 2.42 -6.13
N LYS A 39 17.10 2.87 -5.93
CA LYS A 39 17.36 4.10 -5.18
C LYS A 39 18.06 5.13 -6.05
N ASN A 40 17.55 6.35 -6.04
CA ASN A 40 18.14 7.44 -6.83
C ASN A 40 19.65 7.47 -6.65
N SER A 41 20.35 7.83 -7.72
CA SER A 41 21.81 7.90 -7.69
C SER A 41 22.28 9.36 -7.80
N GLY A 42 21.67 10.10 -8.71
CA GLY A 42 22.04 11.49 -8.90
C GLY A 42 21.29 12.14 -10.05
N PRO A 43 21.74 13.33 -10.47
CA PRO A 43 21.12 14.07 -11.56
C PRO A 43 21.34 13.42 -12.92
N SER A 44 22.18 12.39 -12.94
CA SER A 44 22.48 11.67 -14.17
C SER A 44 21.23 11.50 -15.02
N SER A 45 21.42 11.47 -16.34
CA SER A 45 20.30 11.32 -17.27
C SER A 45 19.99 9.85 -17.52
N GLY A 46 18.99 9.60 -18.35
CA GLY A 46 18.61 8.23 -18.66
C GLY A 46 17.78 7.60 -17.57
ZN ZN B . 3.35 3.29 -2.20
N GLY A 1 -10.31 -6.54 20.70
CA GLY A 1 -10.10 -6.11 19.33
C GLY A 1 -11.15 -6.67 18.38
N SER A 2 -10.91 -7.87 17.86
CA SER A 2 -11.84 -8.51 16.94
C SER A 2 -12.78 -9.44 17.68
N SER A 3 -14.08 -9.14 17.61
CA SER A 3 -15.10 -9.94 18.27
C SER A 3 -16.11 -10.48 17.26
N GLY A 4 -16.46 -9.65 16.28
CA GLY A 4 -17.42 -10.06 15.27
C GLY A 4 -16.80 -11.00 14.24
N SER A 5 -16.98 -10.65 12.97
CA SER A 5 -16.44 -11.48 11.88
C SER A 5 -15.30 -10.75 11.18
N SER A 6 -15.48 -9.46 10.92
CA SER A 6 -14.47 -8.66 10.25
C SER A 6 -14.00 -9.35 8.97
N GLY A 7 -14.94 -9.84 8.19
CA GLY A 7 -14.62 -10.52 6.95
C GLY A 7 -15.42 -10.00 5.76
N SER A 8 -16.71 -10.30 5.76
CA SER A 8 -17.59 -9.87 4.68
C SER A 8 -17.29 -8.44 4.27
N ARG A 9 -17.36 -7.52 5.23
CA ARG A 9 -17.10 -6.11 4.96
C ARG A 9 -15.84 -5.95 4.12
N GLU A 10 -15.83 -4.92 3.26
CA GLU A 10 -14.68 -4.66 2.40
C GLU A 10 -13.74 -3.67 3.05
N LYS A 11 -12.47 -4.06 3.18
CA LYS A 11 -11.46 -3.21 3.79
C LYS A 11 -10.24 -3.09 2.89
N SER A 12 -9.98 -1.89 2.37
CA SER A 12 -8.84 -1.65 1.50
C SER A 12 -7.57 -1.45 2.31
N HIS A 13 -6.43 -1.40 1.62
CA HIS A 13 -5.14 -1.22 2.28
C HIS A 13 -4.39 -0.03 1.66
N GLN A 14 -4.71 1.17 2.14
CA GLN A 14 -4.08 2.38 1.64
C GLN A 14 -2.57 2.33 1.87
N CYS A 15 -1.82 2.85 0.90
CA CYS A 15 -0.36 2.86 0.98
C CYS A 15 0.12 4.06 1.79
N ARG A 16 0.87 3.79 2.86
CA ARG A 16 1.39 4.86 3.71
C ARG A 16 2.84 5.17 3.35
N GLU A 17 3.13 5.23 2.06
CA GLU A 17 4.48 5.52 1.60
C GLU A 17 4.47 6.61 0.53
N CYS A 18 3.43 6.60 -0.31
CA CYS A 18 3.30 7.58 -1.37
C CYS A 18 1.90 8.17 -1.39
N GLY A 19 0.89 7.30 -1.35
CA GLY A 19 -0.49 7.76 -1.37
C GLY A 19 -1.32 7.07 -2.43
N GLU A 20 -1.69 5.82 -2.17
CA GLU A 20 -2.48 5.05 -3.11
C GLU A 20 -3.54 4.22 -2.38
N ILE A 21 -4.43 3.59 -3.15
CA ILE A 21 -5.49 2.77 -2.57
C ILE A 21 -5.78 1.56 -3.45
N PHE A 22 -5.46 0.38 -2.93
CA PHE A 22 -5.69 -0.87 -3.65
C PHE A 22 -6.85 -1.65 -3.05
N PHE A 23 -7.19 -2.77 -3.68
CA PHE A 23 -8.28 -3.61 -3.21
C PHE A 23 -7.79 -5.02 -2.89
N GLN A 24 -6.97 -5.57 -3.78
CA GLN A 24 -6.44 -6.91 -3.59
C GLN A 24 -5.05 -6.86 -2.94
N TYR A 25 -4.87 -7.64 -1.88
CA TYR A 25 -3.61 -7.68 -1.17
C TYR A 25 -2.45 -7.93 -2.13
N VAL A 26 -2.67 -8.81 -3.10
CA VAL A 26 -1.65 -9.14 -4.09
C VAL A 26 -1.10 -7.88 -4.76
N SER A 27 -1.97 -6.90 -4.96
CA SER A 27 -1.58 -5.64 -5.58
C SER A 27 -0.64 -4.85 -4.68
N LEU A 28 -0.91 -4.90 -3.38
CA LEU A 28 -0.09 -4.19 -2.40
C LEU A 28 1.30 -4.81 -2.30
N ILE A 29 1.34 -6.08 -1.93
CA ILE A 29 2.60 -6.80 -1.79
C ILE A 29 3.51 -6.55 -2.99
N GLU A 30 2.90 -6.28 -4.14
CA GLU A 30 3.65 -6.03 -5.36
C GLU A 30 4.05 -4.55 -5.45
N HIS A 31 3.09 -3.67 -5.22
CA HIS A 31 3.34 -2.24 -5.28
C HIS A 31 4.52 -1.86 -4.39
N GLN A 32 4.62 -2.49 -3.24
CA GLN A 32 5.71 -2.22 -2.30
C GLN A 32 7.07 -2.39 -2.98
N VAL A 33 7.18 -3.41 -3.83
CA VAL A 33 8.42 -3.68 -4.54
C VAL A 33 9.05 -2.40 -5.05
N LEU A 34 8.23 -1.56 -5.69
CA LEU A 34 8.72 -0.30 -6.23
C LEU A 34 9.36 0.55 -5.15
N HIS A 35 8.80 0.49 -3.94
CA HIS A 35 9.33 1.25 -2.81
C HIS A 35 10.66 0.67 -2.34
N MET A 36 10.67 -0.64 -2.08
CA MET A 36 11.87 -1.31 -1.62
C MET A 36 13.11 -0.77 -2.33
N GLY A 37 13.96 -0.07 -1.59
CA GLY A 37 15.17 0.49 -2.17
C GLY A 37 16.39 -0.38 -1.94
N GLN A 38 17.26 -0.46 -2.93
CA GLN A 38 18.47 -1.26 -2.82
C GLN A 38 19.62 -0.44 -2.25
N LYS A 39 19.75 -0.45 -0.93
CA LYS A 39 20.80 0.29 -0.25
C LYS A 39 22.17 -0.35 -0.50
N ASN A 40 23.19 0.49 -0.65
CA ASN A 40 24.54 0.00 -0.89
C ASN A 40 24.88 -1.17 0.03
N SER A 41 25.01 -2.36 -0.55
CA SER A 41 25.32 -3.55 0.23
C SER A 41 26.82 -3.84 0.20
N GLY A 42 27.31 -4.50 1.24
CA GLY A 42 28.72 -4.83 1.31
C GLY A 42 29.60 -3.68 0.89
N PRO A 43 30.90 -3.97 0.65
CA PRO A 43 31.87 -2.96 0.24
C PRO A 43 31.62 -2.45 -1.17
N SER A 44 31.38 -3.38 -2.09
CA SER A 44 31.13 -3.02 -3.49
C SER A 44 29.74 -3.49 -3.92
N SER A 45 29.35 -3.10 -5.13
CA SER A 45 28.05 -3.48 -5.67
C SER A 45 27.83 -4.98 -5.59
N GLY A 46 26.60 -5.42 -5.82
CA GLY A 46 26.29 -6.84 -5.77
C GLY A 46 24.98 -7.11 -5.04
ZN ZN B . 3.16 3.48 -2.28
N GLY A 1 -24.24 6.95 18.83
CA GLY A 1 -24.96 7.03 17.58
C GLY A 1 -26.44 6.78 17.75
N SER A 2 -27.23 7.29 16.81
CA SER A 2 -28.68 7.13 16.86
C SER A 2 -29.10 5.77 16.28
N SER A 3 -28.34 4.74 16.62
CA SER A 3 -28.63 3.39 16.14
C SER A 3 -28.91 3.41 14.64
N GLY A 4 -28.11 4.17 13.90
CA GLY A 4 -28.28 4.26 12.46
C GLY A 4 -27.12 3.65 11.70
N SER A 5 -25.98 4.31 11.73
CA SER A 5 -24.79 3.82 11.03
C SER A 5 -23.87 3.06 11.98
N SER A 6 -23.92 1.73 11.89
CA SER A 6 -23.09 0.89 12.75
C SER A 6 -21.72 0.64 12.12
N GLY A 7 -21.15 1.69 11.53
CA GLY A 7 -19.85 1.57 10.90
C GLY A 7 -19.82 0.47 9.85
N SER A 8 -18.68 0.33 9.18
CA SER A 8 -18.53 -0.68 8.14
C SER A 8 -17.06 -1.07 7.96
N ARG A 9 -16.83 -2.27 7.44
CA ARG A 9 -15.47 -2.75 7.21
C ARG A 9 -14.90 -2.18 5.92
N GLU A 10 -13.93 -1.27 6.05
CA GLU A 10 -13.30 -0.65 4.90
C GLU A 10 -13.01 -1.69 3.81
N LYS A 11 -12.41 -2.80 4.21
CA LYS A 11 -12.08 -3.87 3.27
C LYS A 11 -11.21 -3.34 2.14
N SER A 12 -10.18 -2.57 2.48
CA SER A 12 -9.28 -2.01 1.50
C SER A 12 -7.83 -2.02 2.01
N HIS A 13 -6.90 -1.74 1.11
CA HIS A 13 -5.49 -1.72 1.47
C HIS A 13 -4.82 -0.44 0.96
N GLN A 14 -4.77 0.57 1.81
CA GLN A 14 -4.16 1.85 1.45
C GLN A 14 -2.66 1.84 1.78
N CYS A 15 -1.87 2.41 0.88
CA CYS A 15 -0.43 2.47 1.07
C CYS A 15 0.00 3.86 1.54
N ARG A 16 0.45 3.94 2.79
CA ARG A 16 0.88 5.21 3.36
C ARG A 16 2.15 5.72 2.68
N GLU A 17 3.09 4.80 2.45
CA GLU A 17 4.36 5.14 1.80
C GLU A 17 4.14 6.24 0.76
N CYS A 18 3.17 6.03 -0.12
CA CYS A 18 2.87 6.99 -1.17
C CYS A 18 1.44 7.52 -1.03
N GLY A 19 0.50 6.61 -0.83
CA GLY A 19 -0.89 7.01 -0.68
C GLY A 19 -1.76 6.50 -1.81
N GLU A 20 -1.69 5.20 -2.08
CA GLU A 20 -2.49 4.59 -3.14
C GLU A 20 -3.38 3.50 -2.59
N ILE A 21 -4.66 3.55 -2.95
CA ILE A 21 -5.62 2.54 -2.50
C ILE A 21 -5.64 1.34 -3.42
N PHE A 22 -5.41 0.15 -2.85
CA PHE A 22 -5.41 -1.08 -3.62
C PHE A 22 -6.48 -2.04 -3.11
N PHE A 23 -7.24 -2.62 -4.03
CA PHE A 23 -8.30 -3.56 -3.68
C PHE A 23 -7.70 -4.93 -3.32
N GLN A 24 -7.05 -5.56 -4.29
CA GLN A 24 -6.45 -6.87 -4.08
C GLN A 24 -5.24 -6.77 -3.15
N TYR A 25 -4.86 -7.90 -2.56
CA TYR A 25 -3.73 -7.93 -1.65
C TYR A 25 -2.43 -8.21 -2.40
N VAL A 26 -2.50 -9.12 -3.37
CA VAL A 26 -1.34 -9.49 -4.16
C VAL A 26 -0.84 -8.30 -4.97
N SER A 27 -1.72 -7.33 -5.19
CA SER A 27 -1.37 -6.13 -5.96
C SER A 27 -0.61 -5.13 -5.09
N LEU A 28 -0.66 -5.33 -3.78
CA LEU A 28 0.04 -4.46 -2.84
C LEU A 28 1.50 -4.85 -2.71
N ILE A 29 1.73 -6.13 -2.43
CA ILE A 29 3.09 -6.63 -2.27
C ILE A 29 3.93 -6.36 -3.52
N GLU A 30 3.27 -6.33 -4.68
CA GLU A 30 3.96 -6.08 -5.93
C GLU A 30 4.22 -4.59 -6.11
N HIS A 31 3.44 -3.76 -5.43
CA HIS A 31 3.59 -2.31 -5.51
C HIS A 31 4.64 -1.81 -4.52
N GLN A 32 4.37 -2.03 -3.23
CA GLN A 32 5.30 -1.60 -2.19
C GLN A 32 6.74 -1.83 -2.61
N VAL A 33 6.96 -2.82 -3.47
CA VAL A 33 8.30 -3.14 -3.94
C VAL A 33 9.03 -1.89 -4.41
N LEU A 34 8.33 -1.06 -5.19
CA LEU A 34 8.90 0.17 -5.71
C LEU A 34 9.57 0.97 -4.60
N HIS A 35 8.97 0.95 -3.41
CA HIS A 35 9.51 1.66 -2.26
C HIS A 35 10.81 1.03 -1.78
N MET A 36 10.78 -0.28 -1.59
CA MET A 36 11.96 -1.01 -1.13
C MET A 36 13.24 -0.42 -1.72
N GLY A 37 14.17 -0.07 -0.85
CA GLY A 37 15.42 0.51 -1.30
C GLY A 37 16.13 -0.36 -2.31
N GLN A 38 16.28 0.14 -3.53
CA GLN A 38 16.95 -0.61 -4.59
C GLN A 38 18.17 0.14 -5.11
N LYS A 39 18.05 1.47 -5.16
CA LYS A 39 19.14 2.31 -5.63
C LYS A 39 20.24 2.43 -4.58
N ASN A 40 19.88 2.98 -3.43
CA ASN A 40 20.84 3.15 -2.34
C ASN A 40 21.79 1.97 -2.26
N SER A 41 23.03 2.19 -2.71
CA SER A 41 24.04 1.14 -2.70
C SER A 41 24.76 1.10 -1.36
N GLY A 42 25.24 -0.09 -0.97
CA GLY A 42 25.94 -0.24 0.28
C GLY A 42 25.93 -1.66 0.79
N PRO A 43 26.13 -1.83 2.10
CA PRO A 43 26.16 -3.15 2.74
C PRO A 43 24.77 -3.80 2.78
N SER A 44 24.73 -5.11 2.61
CA SER A 44 23.47 -5.84 2.62
C SER A 44 23.25 -6.53 3.96
N SER A 45 24.31 -7.14 4.49
CA SER A 45 24.23 -7.84 5.77
C SER A 45 23.85 -6.87 6.90
N GLY A 46 23.01 -7.33 7.80
CA GLY A 46 22.58 -6.51 8.92
C GLY A 46 22.23 -7.32 10.15
ZN ZN B . 3.06 2.89 -1.92
N GLY A 1 -36.01 1.79 -10.16
CA GLY A 1 -34.99 0.96 -9.53
C GLY A 1 -33.76 1.76 -9.13
N SER A 2 -33.72 2.17 -7.86
CA SER A 2 -32.60 2.95 -7.36
C SER A 2 -31.55 2.04 -6.73
N SER A 3 -31.07 1.06 -7.49
CA SER A 3 -30.08 0.12 -7.00
C SER A 3 -28.76 0.28 -7.75
N GLY A 4 -27.67 0.46 -7.01
CA GLY A 4 -26.37 0.62 -7.63
C GLY A 4 -25.34 -0.36 -7.10
N SER A 5 -24.23 -0.49 -7.80
CA SER A 5 -23.17 -1.40 -7.40
C SER A 5 -22.95 -1.34 -5.88
N SER A 6 -23.12 -2.49 -5.23
CA SER A 6 -22.95 -2.56 -3.78
C SER A 6 -22.51 -3.97 -3.36
N GLY A 7 -21.46 -4.04 -2.55
CA GLY A 7 -20.96 -5.32 -2.10
C GLY A 7 -19.48 -5.29 -1.77
N SER A 8 -19.08 -4.31 -0.96
CA SER A 8 -17.68 -4.16 -0.57
C SER A 8 -17.54 -4.16 0.94
N ARG A 9 -16.54 -4.89 1.44
CA ARG A 9 -16.29 -4.98 2.87
C ARG A 9 -15.36 -3.86 3.34
N GLU A 10 -15.71 -3.22 4.45
CA GLU A 10 -14.91 -2.14 4.99
C GLU A 10 -13.41 -2.42 4.81
N LYS A 11 -12.99 -3.60 5.23
CA LYS A 11 -11.59 -4.00 5.11
C LYS A 11 -10.97 -3.44 3.83
N SER A 12 -10.06 -2.49 4.00
CA SER A 12 -9.40 -1.86 2.86
C SER A 12 -7.88 -2.01 2.97
N HIS A 13 -7.18 -1.66 1.90
CA HIS A 13 -5.72 -1.75 1.88
C HIS A 13 -5.11 -0.57 1.11
N GLN A 14 -4.48 0.33 1.84
CA GLN A 14 -3.86 1.50 1.23
C GLN A 14 -2.37 1.56 1.56
N CYS A 15 -1.61 2.27 0.73
CA CYS A 15 -0.17 2.40 0.92
C CYS A 15 0.16 3.70 1.65
N ARG A 16 1.29 3.71 2.34
CA ARG A 16 1.72 4.90 3.08
C ARG A 16 2.93 5.54 2.42
N GLU A 17 3.80 4.70 1.85
CA GLU A 17 5.00 5.19 1.19
C GLU A 17 4.68 6.37 0.27
N CYS A 18 3.55 6.28 -0.42
CA CYS A 18 3.12 7.33 -1.34
C CYS A 18 1.66 7.69 -1.11
N GLY A 19 0.83 6.66 -0.92
CA GLY A 19 -0.58 6.88 -0.71
C GLY A 19 -1.43 6.46 -1.89
N GLU A 20 -1.92 5.23 -1.85
CA GLU A 20 -2.75 4.70 -2.93
C GLU A 20 -3.61 3.55 -2.45
N ILE A 21 -4.76 3.35 -3.09
CA ILE A 21 -5.67 2.27 -2.73
C ILE A 21 -5.83 1.28 -3.88
N PHE A 22 -5.46 0.02 -3.62
CA PHE A 22 -5.56 -1.02 -4.63
C PHE A 22 -6.79 -1.89 -4.38
N PHE A 23 -7.16 -2.69 -5.38
CA PHE A 23 -8.31 -3.58 -5.27
C PHE A 23 -7.93 -4.89 -4.60
N GLN A 24 -6.89 -5.54 -5.13
CA GLN A 24 -6.43 -6.81 -4.59
C GLN A 24 -5.27 -6.59 -3.62
N TYR A 25 -4.88 -7.65 -2.92
CA TYR A 25 -3.79 -7.58 -1.96
C TYR A 25 -2.44 -7.78 -2.64
N VAL A 26 -2.34 -8.83 -3.45
CA VAL A 26 -1.11 -9.13 -4.16
C VAL A 26 -0.67 -7.96 -5.03
N SER A 27 -1.61 -7.08 -5.34
CA SER A 27 -1.32 -5.91 -6.16
C SER A 27 -0.65 -4.81 -5.33
N LEU A 28 -0.96 -4.80 -4.04
CA LEU A 28 -0.39 -3.80 -3.13
C LEU A 28 0.98 -4.24 -2.64
N ILE A 29 1.05 -5.43 -2.05
CA ILE A 29 2.30 -5.97 -1.55
C ILE A 29 3.43 -5.76 -2.54
N GLU A 30 3.12 -5.91 -3.82
CA GLU A 30 4.12 -5.74 -4.88
C GLU A 30 4.51 -4.27 -5.02
N HIS A 31 3.51 -3.41 -5.15
CA HIS A 31 3.74 -1.98 -5.30
C HIS A 31 4.66 -1.46 -4.19
N GLN A 32 4.42 -1.94 -2.97
CA GLN A 32 5.22 -1.53 -1.83
C GLN A 32 6.69 -1.88 -2.03
N VAL A 33 6.94 -2.95 -2.78
CA VAL A 33 8.31 -3.38 -3.06
C VAL A 33 9.06 -2.35 -3.89
N LEU A 34 8.39 -1.83 -4.92
CA LEU A 34 8.99 -0.84 -5.80
C LEU A 34 9.69 0.25 -4.99
N HIS A 35 8.96 0.88 -4.08
CA HIS A 35 9.51 1.93 -3.24
C HIS A 35 10.96 1.64 -2.88
N MET A 36 11.21 0.45 -2.32
CA MET A 36 12.56 0.06 -1.93
C MET A 36 13.15 -0.90 -2.96
N GLY A 37 14.39 -1.30 -2.74
CA GLY A 37 15.07 -2.21 -3.66
C GLY A 37 16.26 -2.89 -3.02
N GLN A 38 17.13 -3.44 -3.87
CA GLN A 38 18.33 -4.13 -3.38
C GLN A 38 19.32 -4.33 -4.52
N LYS A 39 20.58 -4.61 -4.14
CA LYS A 39 21.64 -4.83 -5.12
C LYS A 39 22.32 -6.17 -4.90
N ASN A 40 22.50 -6.94 -5.97
CA ASN A 40 23.14 -8.24 -5.88
C ASN A 40 23.77 -8.63 -7.22
N SER A 41 24.64 -9.62 -7.18
CA SER A 41 25.32 -10.09 -8.40
C SER A 41 24.30 -10.53 -9.45
N GLY A 42 23.34 -11.35 -9.02
CA GLY A 42 22.32 -11.83 -9.93
C GLY A 42 22.88 -12.79 -10.97
N PRO A 43 22.06 -13.78 -11.36
CA PRO A 43 22.46 -14.78 -12.35
C PRO A 43 22.58 -14.19 -13.75
N SER A 44 23.23 -14.94 -14.65
CA SER A 44 23.42 -14.49 -16.03
C SER A 44 22.15 -14.72 -16.85
N SER A 45 22.19 -14.29 -18.10
CA SER A 45 21.05 -14.44 -19.00
C SER A 45 20.42 -15.83 -18.84
N GLY A 46 19.18 -15.87 -18.38
CA GLY A 46 18.50 -17.14 -18.20
C GLY A 46 17.19 -16.99 -17.44
ZN ZN B . 3.22 3.55 -2.35
N GLY A 1 -21.60 12.42 17.74
CA GLY A 1 -21.51 11.49 16.64
C GLY A 1 -22.87 11.08 16.11
N SER A 2 -23.18 11.48 14.89
CA SER A 2 -24.46 11.15 14.27
C SER A 2 -24.44 9.75 13.67
N SER A 3 -23.47 9.52 12.78
CA SER A 3 -23.35 8.22 12.12
C SER A 3 -21.94 8.05 11.56
N GLY A 4 -21.54 6.80 11.35
CA GLY A 4 -20.22 6.51 10.81
C GLY A 4 -20.12 5.11 10.23
N SER A 5 -18.98 4.80 9.64
CA SER A 5 -18.76 3.49 9.04
C SER A 5 -18.20 2.50 10.06
N SER A 6 -18.73 2.56 11.28
CA SER A 6 -18.29 1.68 12.35
C SER A 6 -19.16 0.43 12.42
N GLY A 7 -18.57 -0.71 12.13
CA GLY A 7 -19.31 -1.97 12.17
C GLY A 7 -19.10 -2.80 10.91
N SER A 8 -19.55 -2.28 9.78
CA SER A 8 -19.43 -2.99 8.51
C SER A 8 -17.96 -3.35 8.25
N ARG A 9 -17.75 -4.34 7.37
CA ARG A 9 -16.41 -4.78 7.02
C ARG A 9 -15.62 -3.66 6.34
N GLU A 10 -14.35 -3.93 6.06
CA GLU A 10 -13.50 -2.94 5.42
C GLU A 10 -13.02 -3.44 4.06
N LYS A 11 -12.31 -4.57 4.06
CA LYS A 11 -11.81 -5.15 2.82
C LYS A 11 -11.13 -4.09 1.96
N SER A 12 -10.35 -3.23 2.58
CA SER A 12 -9.65 -2.17 1.88
C SER A 12 -8.25 -1.95 2.45
N HIS A 13 -7.36 -1.40 1.63
CA HIS A 13 -5.99 -1.14 2.06
C HIS A 13 -5.54 0.26 1.62
N GLN A 14 -4.35 0.66 2.05
CA GLN A 14 -3.81 1.97 1.71
C GLN A 14 -2.29 1.98 1.84
N CYS A 15 -1.62 2.59 0.87
CA CYS A 15 -0.18 2.68 0.87
C CYS A 15 0.31 3.81 1.77
N ARG A 16 1.12 3.48 2.76
CA ARG A 16 1.64 4.47 3.69
C ARG A 16 3.06 4.87 3.32
N GLU A 17 3.31 5.01 2.01
CA GLU A 17 4.63 5.39 1.52
C GLU A 17 4.53 6.54 0.53
N CYS A 18 3.54 6.48 -0.34
CA CYS A 18 3.32 7.53 -1.34
C CYS A 18 1.89 8.04 -1.30
N GLY A 19 0.93 7.12 -1.24
CA GLY A 19 -0.47 7.50 -1.19
C GLY A 19 -1.26 6.95 -2.36
N GLU A 20 -1.60 5.67 -2.29
CA GLU A 20 -2.35 5.02 -3.35
C GLU A 20 -3.09 3.79 -2.83
N ILE A 21 -4.34 3.64 -3.24
CA ILE A 21 -5.16 2.51 -2.81
C ILE A 21 -5.19 1.42 -3.88
N PHE A 22 -5.25 0.17 -3.43
CA PHE A 22 -5.29 -0.96 -4.35
C PHE A 22 -6.37 -1.97 -3.92
N PHE A 23 -7.25 -2.30 -4.85
CA PHE A 23 -8.34 -3.24 -4.58
C PHE A 23 -7.78 -4.60 -4.18
N GLN A 24 -6.95 -5.17 -5.06
CA GLN A 24 -6.35 -6.48 -4.79
C GLN A 24 -5.20 -6.36 -3.80
N TYR A 25 -5.14 -7.28 -2.86
CA TYR A 25 -4.08 -7.28 -1.86
C TYR A 25 -2.72 -7.55 -2.49
N VAL A 26 -2.61 -8.65 -3.21
CA VAL A 26 -1.37 -9.02 -3.87
C VAL A 26 -0.75 -7.82 -4.58
N SER A 27 -1.60 -6.94 -5.10
CA SER A 27 -1.13 -5.76 -5.81
C SER A 27 -0.46 -4.79 -4.85
N LEU A 28 -0.97 -4.74 -3.62
CA LEU A 28 -0.42 -3.84 -2.61
C LEU A 28 0.93 -4.34 -2.11
N ILE A 29 0.95 -5.57 -1.58
CA ILE A 29 2.18 -6.16 -1.08
C ILE A 29 3.30 -6.08 -2.12
N GLU A 30 2.91 -6.06 -3.39
CA GLU A 30 3.88 -5.98 -4.48
C GLU A 30 4.24 -4.54 -4.79
N HIS A 31 3.22 -3.68 -4.78
CA HIS A 31 3.42 -2.26 -5.06
C HIS A 31 4.43 -1.64 -4.10
N GLN A 32 4.37 -2.07 -2.85
CA GLN A 32 5.28 -1.56 -1.83
C GLN A 32 6.73 -1.81 -2.22
N VAL A 33 7.04 -3.07 -2.57
CA VAL A 33 8.39 -3.43 -2.97
C VAL A 33 8.92 -2.50 -4.05
N LEU A 34 8.10 -2.25 -5.07
CA LEU A 34 8.49 -1.37 -6.17
C LEU A 34 9.19 -0.13 -5.64
N HIS A 35 8.54 0.59 -4.73
CA HIS A 35 9.12 1.79 -4.14
C HIS A 35 10.61 1.62 -3.90
N MET A 36 10.97 0.61 -3.11
CA MET A 36 12.36 0.35 -2.79
C MET A 36 13.24 0.53 -4.03
N GLY A 37 14.25 1.38 -3.92
CA GLY A 37 15.15 1.63 -5.04
C GLY A 37 14.53 2.54 -6.08
N GLN A 38 15.01 3.78 -6.13
CA GLN A 38 14.51 4.75 -7.09
C GLN A 38 15.34 6.03 -7.05
N LYS A 39 15.64 6.58 -8.24
CA LYS A 39 16.42 7.79 -8.34
C LYS A 39 16.01 8.80 -7.26
N ASN A 40 14.71 8.96 -7.08
CA ASN A 40 14.20 9.89 -6.08
C ASN A 40 14.37 9.33 -4.67
N SER A 41 15.50 9.65 -4.05
CA SER A 41 15.80 9.18 -2.70
C SER A 41 15.20 10.11 -1.65
N GLY A 42 14.52 9.54 -0.67
CA GLY A 42 13.91 10.33 0.38
C GLY A 42 12.44 10.58 0.14
N PRO A 43 11.61 9.60 0.54
CA PRO A 43 10.15 9.68 0.37
C PRO A 43 9.52 10.72 1.30
N SER A 44 8.98 11.79 0.70
CA SER A 44 8.34 12.85 1.47
C SER A 44 6.86 12.94 1.17
N SER A 45 6.05 12.34 2.03
CA SER A 45 4.60 12.35 1.85
C SER A 45 3.88 12.48 3.20
N GLY A 46 2.68 13.03 3.16
CA GLY A 46 1.91 13.21 4.38
C GLY A 46 0.77 12.22 4.49
ZN ZN B . 2.98 3.58 -2.73
N GLY A 1 -24.48 -2.76 20.07
CA GLY A 1 -23.08 -3.00 20.36
C GLY A 1 -22.20 -1.84 19.92
N SER A 2 -20.92 -1.91 20.27
CA SER A 2 -19.97 -0.86 19.92
C SER A 2 -19.50 -1.03 18.47
N SER A 3 -19.84 -0.05 17.64
CA SER A 3 -19.44 -0.09 16.22
C SER A 3 -19.83 1.20 15.53
N GLY A 4 -18.88 1.77 14.78
CA GLY A 4 -19.13 3.01 14.08
C GLY A 4 -20.35 2.93 13.18
N SER A 5 -21.39 3.66 13.54
CA SER A 5 -22.63 3.67 12.77
C SER A 5 -22.36 4.03 11.31
N SER A 6 -21.56 5.08 11.10
CA SER A 6 -21.23 5.53 9.76
C SER A 6 -19.74 5.38 9.49
N GLY A 7 -19.39 4.43 8.64
CA GLY A 7 -17.99 4.20 8.32
C GLY A 7 -17.33 3.23 9.27
N SER A 8 -17.61 1.94 9.10
CA SER A 8 -17.04 0.91 9.96
C SER A 8 -15.75 0.35 9.35
N ARG A 9 -14.93 -0.27 10.19
CA ARG A 9 -13.67 -0.84 9.74
C ARG A 9 -13.85 -1.62 8.45
N GLU A 10 -13.40 -1.03 7.35
CA GLU A 10 -13.52 -1.67 6.03
C GLU A 10 -12.39 -2.67 5.81
N LYS A 11 -12.39 -3.31 4.64
CA LYS A 11 -11.35 -4.28 4.29
C LYS A 11 -10.49 -3.77 3.15
N SER A 12 -10.17 -2.48 3.19
CA SER A 12 -9.34 -1.87 2.14
C SER A 12 -7.89 -1.76 2.60
N HIS A 13 -6.99 -1.60 1.63
CA HIS A 13 -5.57 -1.47 1.93
C HIS A 13 -4.97 -0.25 1.24
N GLN A 14 -4.58 0.73 2.04
CA GLN A 14 -3.99 1.96 1.52
C GLN A 14 -2.48 1.98 1.74
N CYS A 15 -1.75 2.55 0.79
CA CYS A 15 -0.30 2.64 0.89
C CYS A 15 0.11 3.84 1.73
N ARG A 16 0.94 3.60 2.74
CA ARG A 16 1.40 4.66 3.62
C ARG A 16 2.81 5.11 3.23
N GLU A 17 3.09 5.11 1.93
CA GLU A 17 4.40 5.50 1.42
C GLU A 17 4.26 6.54 0.31
N CYS A 18 3.27 6.34 -0.56
CA CYS A 18 3.03 7.25 -1.67
C CYS A 18 1.64 7.85 -1.59
N GLY A 19 0.64 7.00 -1.35
CA GLY A 19 -0.73 7.46 -1.25
C GLY A 19 -1.61 6.89 -2.33
N GLU A 20 -1.65 5.56 -2.43
CA GLU A 20 -2.46 4.89 -3.43
C GLU A 20 -3.28 3.76 -2.80
N ILE A 21 -4.31 3.32 -3.51
CA ILE A 21 -5.17 2.24 -3.02
C ILE A 21 -5.36 1.17 -4.09
N PHE A 22 -5.46 -0.08 -3.65
CA PHE A 22 -5.65 -1.20 -4.57
C PHE A 22 -6.90 -2.00 -4.19
N PHE A 23 -7.25 -2.95 -5.05
CA PHE A 23 -8.43 -3.79 -4.82
C PHE A 23 -8.01 -5.17 -4.34
N GLN A 24 -7.03 -5.76 -5.02
CA GLN A 24 -6.54 -7.08 -4.68
C GLN A 24 -5.37 -7.00 -3.70
N TYR A 25 -4.91 -8.15 -3.23
CA TYR A 25 -3.80 -8.20 -2.28
C TYR A 25 -2.46 -8.23 -3.02
N VAL A 26 -2.35 -9.13 -4.00
CA VAL A 26 -1.13 -9.25 -4.78
C VAL A 26 -0.79 -7.95 -5.49
N SER A 27 -1.81 -7.15 -5.79
CA SER A 27 -1.62 -5.88 -6.47
C SER A 27 -0.86 -4.90 -5.58
N LEU A 28 -1.07 -5.01 -4.27
CA LEU A 28 -0.41 -4.13 -3.32
C LEU A 28 1.00 -4.63 -3.00
N ILE A 29 1.08 -5.77 -2.31
CA ILE A 29 2.36 -6.35 -1.95
C ILE A 29 3.40 -6.11 -3.04
N GLU A 30 2.96 -6.16 -4.29
CA GLU A 30 3.86 -5.94 -5.42
C GLU A 30 4.34 -4.49 -5.46
N HIS A 31 3.40 -3.55 -5.44
CA HIS A 31 3.72 -2.13 -5.47
C HIS A 31 4.66 -1.76 -4.32
N GLN A 32 4.36 -2.29 -3.13
CA GLN A 32 5.17 -2.02 -1.96
C GLN A 32 6.66 -2.09 -2.28
N VAL A 33 7.04 -3.12 -3.04
CA VAL A 33 8.43 -3.30 -3.43
C VAL A 33 9.08 -1.98 -3.80
N LEU A 34 8.32 -1.12 -4.48
CA LEU A 34 8.82 0.19 -4.89
C LEU A 34 9.39 0.95 -3.70
N HIS A 35 8.68 0.89 -2.58
CA HIS A 35 9.12 1.59 -1.36
C HIS A 35 9.97 0.67 -0.48
N MET A 36 10.62 -0.29 -1.12
CA MET A 36 11.47 -1.24 -0.39
C MET A 36 12.90 -1.19 -0.90
N GLY A 37 13.42 0.02 -1.08
CA GLY A 37 14.78 0.17 -1.57
C GLY A 37 14.96 -0.35 -2.98
N GLN A 38 15.88 0.26 -3.73
CA GLN A 38 16.14 -0.15 -5.10
C GLN A 38 16.36 -1.66 -5.18
N LYS A 39 15.47 -2.33 -5.90
CA LYS A 39 15.57 -3.78 -6.07
C LYS A 39 17.03 -4.22 -6.18
N ASN A 40 17.30 -5.45 -5.75
CA ASN A 40 18.66 -5.99 -5.80
C ASN A 40 19.14 -6.11 -7.25
N SER A 41 20.28 -5.49 -7.54
CA SER A 41 20.84 -5.52 -8.88
C SER A 41 22.19 -6.25 -8.89
N GLY A 42 22.58 -6.74 -10.07
CA GLY A 42 23.84 -7.45 -10.19
C GLY A 42 24.68 -6.94 -11.34
N PRO A 43 24.56 -7.62 -12.49
CA PRO A 43 25.31 -7.25 -13.70
C PRO A 43 24.83 -5.93 -14.30
N SER A 44 25.62 -5.38 -15.22
CA SER A 44 25.27 -4.12 -15.87
C SER A 44 24.02 -4.29 -16.74
N SER A 45 23.98 -5.36 -17.50
CA SER A 45 22.84 -5.63 -18.38
C SER A 45 21.52 -5.46 -17.62
N GLY A 46 21.43 -6.10 -16.46
CA GLY A 46 20.22 -6.02 -15.66
C GLY A 46 19.39 -7.28 -15.72
ZN ZN B . 3.16 3.33 -2.40
N GLY A 1 -26.01 4.38 21.07
CA GLY A 1 -25.28 4.44 19.83
C GLY A 1 -24.62 3.12 19.48
N SER A 2 -24.71 2.73 18.22
CA SER A 2 -24.12 1.47 17.76
C SER A 2 -22.89 1.73 16.89
N SER A 3 -21.76 1.96 17.54
CA SER A 3 -20.51 2.23 16.83
C SER A 3 -20.67 3.41 15.89
N GLY A 4 -21.34 4.46 16.36
CA GLY A 4 -21.55 5.64 15.54
C GLY A 4 -21.93 5.30 14.12
N SER A 5 -21.27 5.94 13.15
CA SER A 5 -21.55 5.71 11.74
C SER A 5 -20.30 5.23 11.01
N SER A 6 -20.15 3.92 10.90
CA SER A 6 -18.99 3.33 10.23
C SER A 6 -19.23 1.87 9.92
N GLY A 7 -18.49 1.34 8.94
CA GLY A 7 -18.63 -0.05 8.56
C GLY A 7 -17.50 -0.91 9.08
N SER A 8 -17.84 -2.12 9.53
CA SER A 8 -16.85 -3.05 10.06
C SER A 8 -16.03 -3.66 8.93
N ARG A 9 -16.71 -4.19 7.92
CA ARG A 9 -16.05 -4.80 6.78
C ARG A 9 -15.44 -3.75 5.86
N GLU A 10 -14.12 -3.60 5.93
CA GLU A 10 -13.42 -2.62 5.10
C GLU A 10 -12.72 -3.30 3.93
N LYS A 11 -11.97 -4.35 4.23
CA LYS A 11 -11.24 -5.09 3.21
C LYS A 11 -10.58 -4.14 2.22
N SER A 12 -9.98 -3.07 2.74
CA SER A 12 -9.31 -2.09 1.91
C SER A 12 -7.84 -1.94 2.30
N HIS A 13 -7.03 -1.44 1.38
CA HIS A 13 -5.61 -1.25 1.63
C HIS A 13 -5.13 0.10 1.08
N GLN A 14 -4.09 0.65 1.70
CA GLN A 14 -3.54 1.93 1.27
C GLN A 14 -2.03 1.97 1.49
N CYS A 15 -1.34 2.70 0.62
CA CYS A 15 0.11 2.83 0.71
C CYS A 15 0.51 4.22 1.21
N ARG A 16 0.43 4.42 2.52
CA ARG A 16 0.77 5.70 3.12
C ARG A 16 2.04 6.27 2.48
N GLU A 17 3.06 5.41 2.32
CA GLU A 17 4.32 5.83 1.74
C GLU A 17 4.10 6.88 0.65
N CYS A 18 3.32 6.52 -0.36
CA CYS A 18 3.03 7.43 -1.46
C CYS A 18 1.60 7.96 -1.37
N GLY A 19 0.65 7.05 -1.15
CA GLY A 19 -0.74 7.44 -1.04
C GLY A 19 -1.59 6.88 -2.16
N GLU A 20 -1.71 5.55 -2.20
CA GLU A 20 -2.50 4.90 -3.23
C GLU A 20 -3.40 3.82 -2.62
N ILE A 21 -4.56 3.62 -3.22
CA ILE A 21 -5.51 2.62 -2.74
C ILE A 21 -5.50 1.38 -3.61
N PHE A 22 -5.37 0.22 -2.99
CA PHE A 22 -5.34 -1.05 -3.71
C PHE A 22 -6.46 -1.97 -3.22
N PHE A 23 -7.26 -2.46 -4.17
CA PHE A 23 -8.36 -3.35 -3.84
C PHE A 23 -7.87 -4.78 -3.66
N GLN A 24 -6.99 -5.23 -4.56
CA GLN A 24 -6.45 -6.57 -4.49
C GLN A 24 -5.16 -6.60 -3.67
N TYR A 25 -5.15 -7.40 -2.62
CA TYR A 25 -3.99 -7.52 -1.75
C TYR A 25 -2.72 -7.73 -2.57
N VAL A 26 -2.84 -8.46 -3.67
CA VAL A 26 -1.70 -8.74 -4.55
C VAL A 26 -1.11 -7.44 -5.09
N SER A 27 -1.98 -6.49 -5.44
CA SER A 27 -1.54 -5.21 -5.98
C SER A 27 -0.73 -4.44 -4.95
N LEU A 28 -1.02 -4.68 -3.67
CA LEU A 28 -0.32 -4.01 -2.59
C LEU A 28 1.03 -4.66 -2.32
N ILE A 29 1.01 -5.93 -1.96
CA ILE A 29 2.23 -6.67 -1.68
C ILE A 29 3.23 -6.54 -2.83
N GLU A 30 2.72 -6.45 -4.05
CA GLU A 30 3.56 -6.31 -5.23
C GLU A 30 4.11 -4.89 -5.34
N HIS A 31 3.26 -3.91 -5.06
CA HIS A 31 3.67 -2.51 -5.13
C HIS A 31 4.78 -2.22 -4.14
N GLN A 32 4.60 -2.68 -2.91
CA GLN A 32 5.60 -2.46 -1.86
C GLN A 32 7.02 -2.51 -2.43
N VAL A 33 7.34 -3.62 -3.09
CA VAL A 33 8.66 -3.80 -3.69
C VAL A 33 9.19 -2.48 -4.24
N LEU A 34 8.40 -1.84 -5.10
CA LEU A 34 8.78 -0.57 -5.69
C LEU A 34 9.47 0.33 -4.67
N HIS A 35 8.80 0.55 -3.54
CA HIS A 35 9.34 1.39 -2.48
C HIS A 35 10.53 0.71 -1.80
N MET A 36 10.27 -0.45 -1.21
CA MET A 36 11.32 -1.20 -0.53
C MET A 36 12.61 -1.21 -1.34
N GLY A 37 13.74 -1.20 -0.66
CA GLY A 37 15.02 -1.21 -1.34
C GLY A 37 15.39 0.14 -1.91
N GLN A 38 15.45 1.15 -1.05
CA GLN A 38 15.78 2.50 -1.48
C GLN A 38 17.00 2.50 -2.40
N LYS A 39 17.25 3.62 -3.06
CA LYS A 39 18.39 3.76 -3.96
C LYS A 39 19.51 4.57 -3.32
N ASN A 40 20.70 3.99 -3.27
CA ASN A 40 21.86 4.68 -2.68
C ASN A 40 22.78 5.21 -3.77
N SER A 41 22.49 6.42 -4.24
CA SER A 41 23.29 7.04 -5.29
C SER A 41 23.68 8.47 -4.89
N GLY A 42 24.07 8.64 -3.62
CA GLY A 42 24.46 9.95 -3.14
C GLY A 42 24.92 9.92 -1.70
N PRO A 43 23.96 9.99 -0.77
CA PRO A 43 24.26 9.97 0.66
C PRO A 43 24.77 8.61 1.14
N SER A 44 25.41 8.61 2.31
CA SER A 44 25.95 7.37 2.87
C SER A 44 24.92 6.68 3.75
N SER A 45 25.22 5.45 4.14
CA SER A 45 24.32 4.68 4.99
C SER A 45 24.90 4.50 6.38
N GLY A 46 24.10 3.94 7.28
CA GLY A 46 24.55 3.72 8.65
C GLY A 46 25.45 2.50 8.77
ZN ZN B . 3.50 3.29 -2.64
N GLY A 1 -28.55 -8.78 18.11
CA GLY A 1 -28.61 -8.71 16.66
C GLY A 1 -27.26 -8.96 16.00
N SER A 2 -27.28 -9.24 14.71
CA SER A 2 -26.05 -9.50 13.96
C SER A 2 -26.25 -9.25 12.47
N SER A 3 -25.17 -8.85 11.80
CA SER A 3 -25.23 -8.58 10.37
C SER A 3 -23.99 -9.11 9.66
N GLY A 4 -23.98 -9.01 8.33
CA GLY A 4 -22.84 -9.47 7.56
C GLY A 4 -21.61 -8.60 7.75
N SER A 5 -21.82 -7.28 7.75
CA SER A 5 -20.73 -6.34 7.91
C SER A 5 -20.92 -5.49 9.17
N SER A 6 -21.34 -6.14 10.25
CA SER A 6 -21.56 -5.45 11.52
C SER A 6 -20.55 -4.32 11.71
N GLY A 7 -21.06 -3.09 11.75
CA GLY A 7 -20.19 -1.95 11.93
C GLY A 7 -19.83 -1.28 10.61
N SER A 8 -18.96 -0.26 10.67
CA SER A 8 -18.53 0.45 9.48
C SER A 8 -17.02 0.40 9.33
N ARG A 9 -16.51 -0.73 8.84
CA ARG A 9 -15.08 -0.91 8.65
C ARG A 9 -14.72 -0.93 7.17
N GLU A 10 -13.67 -0.20 6.81
CA GLU A 10 -13.24 -0.13 5.42
C GLU A 10 -12.57 -1.43 5.00
N LYS A 11 -11.54 -1.84 5.74
CA LYS A 11 -10.82 -3.07 5.45
C LYS A 11 -10.17 -2.99 4.07
N SER A 12 -9.75 -1.80 3.68
CA SER A 12 -9.11 -1.59 2.38
C SER A 12 -7.62 -1.88 2.45
N HIS A 13 -6.96 -1.90 1.30
CA HIS A 13 -5.54 -2.17 1.24
C HIS A 13 -4.77 -0.94 0.75
N GLN A 14 -5.13 0.23 1.30
CA GLN A 14 -4.47 1.47 0.93
C GLN A 14 -3.04 1.51 1.43
N CYS A 15 -2.19 2.25 0.73
CA CYS A 15 -0.78 2.38 1.10
C CYS A 15 -0.54 3.64 1.92
N ARG A 16 -0.33 3.46 3.22
CA ARG A 16 -0.08 4.59 4.11
C ARG A 16 1.39 4.98 4.11
N GLU A 17 1.98 5.05 2.93
CA GLU A 17 3.39 5.40 2.79
C GLU A 17 3.58 6.44 1.68
N CYS A 18 2.77 6.33 0.64
CA CYS A 18 2.86 7.26 -0.49
C CYS A 18 1.47 7.76 -0.89
N GLY A 19 0.50 6.85 -0.91
CA GLY A 19 -0.86 7.21 -1.28
C GLY A 19 -1.32 6.50 -2.53
N GLU A 20 -1.77 5.26 -2.38
CA GLU A 20 -2.25 4.47 -3.51
C GLU A 20 -3.06 3.28 -3.04
N ILE A 21 -4.31 3.21 -3.48
CA ILE A 21 -5.19 2.11 -3.10
C ILE A 21 -5.18 1.00 -4.15
N PHE A 22 -5.45 -0.23 -3.72
CA PHE A 22 -5.48 -1.36 -4.63
C PHE A 22 -6.61 -2.32 -4.26
N PHE A 23 -7.21 -2.94 -5.28
CA PHE A 23 -8.29 -3.88 -5.06
C PHE A 23 -7.76 -5.25 -4.63
N GLN A 24 -6.82 -5.78 -5.39
CA GLN A 24 -6.24 -7.08 -5.09
C GLN A 24 -5.03 -6.92 -4.17
N TYR A 25 -4.87 -7.87 -3.24
CA TYR A 25 -3.76 -7.84 -2.31
C TYR A 25 -2.43 -8.03 -3.03
N VAL A 26 -2.45 -8.85 -4.09
CA VAL A 26 -1.25 -9.12 -4.86
C VAL A 26 -0.64 -7.83 -5.40
N SER A 27 -1.49 -6.85 -5.69
CA SER A 27 -1.04 -5.56 -6.20
C SER A 27 -0.28 -4.78 -5.14
N LEU A 28 -0.69 -4.96 -3.89
CA LEU A 28 -0.06 -4.26 -2.77
C LEU A 28 1.35 -4.81 -2.52
N ILE A 29 1.42 -6.07 -2.12
CA ILE A 29 2.69 -6.71 -1.84
C ILE A 29 3.73 -6.37 -2.91
N GLU A 30 3.24 -6.14 -4.13
CA GLU A 30 4.13 -5.81 -5.24
C GLU A 30 4.44 -4.32 -5.26
N HIS A 31 3.42 -3.50 -5.03
CA HIS A 31 3.59 -2.04 -5.02
C HIS A 31 4.57 -1.63 -3.91
N GLN A 32 4.63 -2.42 -2.85
CA GLN A 32 5.53 -2.13 -1.73
C GLN A 32 6.99 -2.24 -2.17
N VAL A 33 7.27 -3.23 -3.00
CA VAL A 33 8.63 -3.44 -3.50
C VAL A 33 9.12 -2.25 -4.31
N LEU A 34 8.29 -1.80 -5.24
CA LEU A 34 8.65 -0.65 -6.08
C LEU A 34 9.33 0.44 -5.25
N HIS A 35 8.69 0.83 -4.16
CA HIS A 35 9.23 1.86 -3.29
C HIS A 35 10.74 1.68 -3.11
N MET A 36 11.17 0.44 -2.91
CA MET A 36 12.59 0.15 -2.74
C MET A 36 13.10 -0.74 -3.86
N GLY A 37 13.30 -0.14 -5.04
CA GLY A 37 13.78 -0.89 -6.17
C GLY A 37 14.10 -0.01 -7.37
N GLN A 38 15.26 0.63 -7.34
CA GLN A 38 15.68 1.52 -8.42
C GLN A 38 17.16 1.33 -8.73
N LYS A 39 17.46 0.91 -9.95
CA LYS A 39 18.84 0.70 -10.38
C LYS A 39 19.65 1.98 -10.22
N ASN A 40 20.80 1.85 -9.54
CA ASN A 40 21.67 3.00 -9.32
C ASN A 40 23.11 2.67 -9.72
N SER A 41 23.44 2.94 -10.97
CA SER A 41 24.78 2.67 -11.48
C SER A 41 25.14 3.62 -12.63
N GLY A 42 26.39 3.58 -13.05
CA GLY A 42 26.84 4.44 -14.13
C GLY A 42 26.56 5.91 -13.85
N PRO A 43 26.96 6.78 -14.80
CA PRO A 43 26.75 8.22 -14.68
C PRO A 43 25.29 8.62 -14.80
N SER A 44 25.00 9.89 -14.55
CA SER A 44 23.62 10.39 -14.63
C SER A 44 23.33 10.94 -16.02
N SER A 45 22.87 10.08 -16.92
CA SER A 45 22.55 10.48 -18.29
C SER A 45 21.70 11.74 -18.30
N GLY A 46 21.86 12.56 -19.33
CA GLY A 46 21.10 13.79 -19.44
C GLY A 46 19.69 13.65 -18.90
ZN ZN B . 3.00 3.32 -1.71
N GLY A 1 -5.34 14.20 5.68
CA GLY A 1 -5.81 12.83 5.83
C GLY A 1 -7.17 12.75 6.48
N SER A 2 -7.28 13.28 7.69
CA SER A 2 -8.55 13.25 8.42
C SER A 2 -9.64 13.99 7.65
N SER A 3 -10.86 13.93 8.16
CA SER A 3 -12.00 14.58 7.51
C SER A 3 -12.23 14.00 6.12
N GLY A 4 -12.13 12.69 6.00
CA GLY A 4 -12.32 12.04 4.71
C GLY A 4 -12.72 10.58 4.86
N SER A 5 -13.98 10.28 4.58
CA SER A 5 -14.47 8.91 4.68
C SER A 5 -15.14 8.48 3.38
N SER A 6 -14.83 7.26 2.94
CA SER A 6 -15.39 6.72 1.70
C SER A 6 -16.21 5.47 1.99
N GLY A 7 -15.62 4.54 2.73
CA GLY A 7 -16.31 3.30 3.06
C GLY A 7 -16.63 3.19 4.54
N SER A 8 -17.58 2.31 4.86
CA SER A 8 -17.99 2.11 6.25
C SER A 8 -17.22 0.96 6.89
N ARG A 9 -16.07 1.27 7.48
CA ARG A 9 -15.25 0.26 8.13
C ARG A 9 -15.07 -0.96 7.22
N GLU A 10 -14.88 -0.70 5.93
CA GLU A 10 -14.70 -1.77 4.96
C GLU A 10 -13.33 -2.43 5.13
N LYS A 11 -13.06 -3.45 4.32
CA LYS A 11 -11.80 -4.16 4.38
C LYS A 11 -10.94 -3.86 3.15
N SER A 12 -10.22 -2.75 3.19
CA SER A 12 -9.36 -2.35 2.09
C SER A 12 -7.93 -2.11 2.57
N HIS A 13 -7.03 -1.85 1.63
CA HIS A 13 -5.62 -1.62 1.94
C HIS A 13 -5.18 -0.26 1.42
N GLN A 14 -4.25 0.36 2.14
CA GLN A 14 -3.73 1.67 1.74
C GLN A 14 -2.24 1.77 2.02
N CYS A 15 -1.53 2.55 1.20
CA CYS A 15 -0.09 2.73 1.37
C CYS A 15 0.21 4.04 2.09
N ARG A 16 1.40 4.12 2.67
CA ARG A 16 1.81 5.31 3.40
C ARG A 16 2.80 6.13 2.58
N GLU A 17 3.69 5.45 1.87
CA GLU A 17 4.68 6.12 1.03
C GLU A 17 4.02 7.12 0.09
N CYS A 18 3.36 6.61 -0.94
CA CYS A 18 2.69 7.46 -1.92
C CYS A 18 1.25 7.73 -1.49
N GLY A 19 0.55 6.68 -1.07
CA GLY A 19 -0.83 6.84 -0.64
C GLY A 19 -1.82 6.41 -1.71
N GLU A 20 -1.63 5.21 -2.24
CA GLU A 20 -2.51 4.68 -3.28
C GLU A 20 -3.27 3.45 -2.78
N ILE A 21 -4.58 3.43 -3.01
CA ILE A 21 -5.41 2.32 -2.58
C ILE A 21 -5.57 1.30 -3.71
N PHE A 22 -5.56 0.02 -3.34
CA PHE A 22 -5.70 -1.06 -4.31
C PHE A 22 -6.71 -2.10 -3.82
N PHE A 23 -7.39 -2.74 -4.77
CA PHE A 23 -8.39 -3.75 -4.44
C PHE A 23 -7.88 -5.15 -4.77
N GLN A 24 -6.59 -5.38 -4.52
CA GLN A 24 -5.97 -6.67 -4.79
C GLN A 24 -4.73 -6.87 -3.94
N TYR A 25 -4.66 -8.00 -3.25
CA TYR A 25 -3.52 -8.31 -2.39
C TYR A 25 -2.22 -8.24 -3.19
N VAL A 26 -2.20 -8.84 -4.37
CA VAL A 26 -1.03 -8.83 -5.22
C VAL A 26 -0.57 -7.40 -5.53
N SER A 27 -1.54 -6.53 -5.75
CA SER A 27 -1.26 -5.13 -6.06
C SER A 27 -0.41 -4.49 -4.96
N LEU A 28 -0.85 -4.67 -3.72
CA LEU A 28 -0.14 -4.11 -2.57
C LEU A 28 1.19 -4.83 -2.35
N ILE A 29 1.11 -6.09 -1.94
CA ILE A 29 2.30 -6.89 -1.70
C ILE A 29 3.40 -6.57 -2.71
N GLU A 30 3.03 -6.54 -3.98
CA GLU A 30 3.97 -6.24 -5.05
C GLU A 30 4.31 -4.74 -5.09
N HIS A 31 3.32 -3.92 -4.76
CA HIS A 31 3.49 -2.47 -4.76
C HIS A 31 4.60 -2.06 -3.79
N GLN A 32 4.71 -2.79 -2.69
CA GLN A 32 5.72 -2.50 -1.68
C GLN A 32 7.12 -2.48 -2.30
N VAL A 33 7.30 -3.27 -3.35
CA VAL A 33 8.59 -3.33 -4.04
C VAL A 33 8.96 -1.96 -4.63
N LEU A 34 7.96 -1.26 -5.15
CA LEU A 34 8.18 0.05 -5.74
C LEU A 34 8.71 1.03 -4.71
N HIS A 35 8.54 0.70 -3.44
CA HIS A 35 9.01 1.55 -2.35
C HIS A 35 10.23 0.95 -1.67
N MET A 36 11.10 0.32 -2.47
CA MET A 36 12.31 -0.30 -1.95
C MET A 36 13.55 0.40 -2.49
N GLY A 37 14.60 0.46 -1.67
CA GLY A 37 15.83 1.11 -2.09
C GLY A 37 17.01 0.17 -2.04
N GLN A 38 18.20 0.71 -1.83
CA GLN A 38 19.42 -0.08 -1.77
C GLN A 38 19.59 -0.73 -0.40
N LYS A 39 19.92 -2.01 -0.38
CA LYS A 39 20.12 -2.74 0.86
C LYS A 39 21.33 -2.23 1.61
N ASN A 40 21.11 -1.66 2.80
CA ASN A 40 22.18 -1.14 3.61
C ASN A 40 21.98 -1.50 5.08
N SER A 41 23.10 -1.68 5.80
CA SER A 41 23.04 -2.04 7.21
C SER A 41 22.15 -1.07 7.99
N GLY A 42 21.14 -1.61 8.65
CA GLY A 42 20.23 -0.78 9.42
C GLY A 42 19.92 -1.37 10.79
N PRO A 43 18.79 -0.95 11.37
CA PRO A 43 18.37 -1.43 12.69
C PRO A 43 17.93 -2.89 12.67
N SER A 44 18.85 -3.78 13.03
CA SER A 44 18.57 -5.21 13.04
C SER A 44 17.39 -5.51 13.96
N SER A 45 16.17 -5.48 13.41
CA SER A 45 14.97 -5.75 14.18
C SER A 45 14.33 -7.07 13.74
N GLY A 46 13.64 -7.72 14.67
CA GLY A 46 12.99 -8.98 14.36
C GLY A 46 12.10 -9.47 15.48
ZN ZN B . 2.75 3.49 -2.32
N GLY A 1 -25.63 11.12 16.60
CA GLY A 1 -24.23 11.40 16.88
C GLY A 1 -23.34 10.19 16.66
N SER A 2 -23.53 9.52 15.53
CA SER A 2 -22.74 8.34 15.20
C SER A 2 -22.81 8.04 13.70
N SER A 3 -21.80 7.32 13.21
CA SER A 3 -21.74 6.97 11.79
C SER A 3 -21.68 5.46 11.61
N GLY A 4 -22.23 4.98 10.49
CA GLY A 4 -22.21 3.54 10.23
C GLY A 4 -23.58 2.92 10.41
N SER A 5 -24.17 2.46 9.30
CA SER A 5 -25.49 1.85 9.34
C SER A 5 -25.38 0.32 9.21
N SER A 6 -24.84 -0.13 8.08
CA SER A 6 -24.68 -1.56 7.83
C SER A 6 -23.61 -1.80 6.77
N GLY A 7 -22.99 -2.97 6.84
CA GLY A 7 -21.95 -3.31 5.87
C GLY A 7 -20.69 -2.49 6.06
N SER A 8 -19.55 -3.17 6.16
CA SER A 8 -18.27 -2.50 6.35
C SER A 8 -17.42 -2.58 5.09
N ARG A 9 -17.71 -1.71 4.13
CA ARG A 9 -16.97 -1.68 2.87
C ARG A 9 -15.76 -0.75 2.97
N GLU A 10 -15.07 -0.80 4.11
CA GLU A 10 -13.90 0.04 4.33
C GLU A 10 -12.62 -0.78 4.18
N LYS A 11 -12.64 -2.01 4.69
CA LYS A 11 -11.49 -2.89 4.62
C LYS A 11 -10.77 -2.73 3.29
N SER A 12 -9.58 -2.14 3.33
CA SER A 12 -8.78 -1.92 2.13
C SER A 12 -7.29 -2.08 2.42
N HIS A 13 -6.48 -2.11 1.37
CA HIS A 13 -5.04 -2.25 1.52
C HIS A 13 -4.32 -1.01 1.01
N GLN A 14 -4.78 0.16 1.44
CA GLN A 14 -4.18 1.43 1.03
C GLN A 14 -2.75 1.53 1.53
N CYS A 15 -1.88 2.15 0.73
CA CYS A 15 -0.49 2.32 1.09
C CYS A 15 -0.26 3.65 1.81
N ARG A 16 0.79 3.71 2.62
CA ARG A 16 1.10 4.92 3.37
C ARG A 16 2.38 5.56 2.84
N GLU A 17 3.26 4.74 2.27
CA GLU A 17 4.53 5.23 1.72
C GLU A 17 4.28 6.35 0.73
N CYS A 18 3.20 6.24 -0.03
CA CYS A 18 2.85 7.25 -1.02
C CYS A 18 1.39 7.67 -0.89
N GLY A 19 0.51 6.68 -0.72
CA GLY A 19 -0.91 6.96 -0.58
C GLY A 19 -1.71 6.51 -1.79
N GLU A 20 -2.01 5.21 -1.85
CA GLU A 20 -2.77 4.66 -2.95
C GLU A 20 -3.68 3.52 -2.48
N ILE A 21 -4.87 3.45 -3.04
CA ILE A 21 -5.82 2.40 -2.68
C ILE A 21 -5.69 1.20 -3.60
N PHE A 22 -5.74 0.01 -3.00
CA PHE A 22 -5.63 -1.23 -3.78
C PHE A 22 -6.83 -2.13 -3.52
N PHE A 23 -6.96 -3.19 -4.32
CA PHE A 23 -8.06 -4.12 -4.19
C PHE A 23 -7.54 -5.53 -3.87
N GLN A 24 -6.71 -6.06 -4.76
CA GLN A 24 -6.14 -7.39 -4.57
C GLN A 24 -4.89 -7.34 -3.70
N TYR A 25 -4.71 -8.35 -2.86
CA TYR A 25 -3.55 -8.41 -1.97
C TYR A 25 -2.26 -8.49 -2.77
N VAL A 26 -2.33 -9.11 -3.95
CA VAL A 26 -1.17 -9.24 -4.81
C VAL A 26 -0.74 -7.90 -5.40
N SER A 27 -1.66 -6.94 -5.36
CA SER A 27 -1.39 -5.61 -5.90
C SER A 27 -0.64 -4.75 -4.86
N LEU A 28 -0.88 -5.04 -3.59
CA LEU A 28 -0.23 -4.31 -2.51
C LEU A 28 1.21 -4.77 -2.31
N ILE A 29 1.38 -6.09 -2.15
CA ILE A 29 2.71 -6.65 -1.96
C ILE A 29 3.64 -6.30 -3.12
N GLU A 30 3.09 -6.30 -4.33
CA GLU A 30 3.86 -5.97 -5.52
C GLU A 30 4.23 -4.49 -5.55
N HIS A 31 3.29 -3.66 -5.12
CA HIS A 31 3.50 -2.21 -5.10
C HIS A 31 4.60 -1.85 -4.11
N GLN A 32 4.57 -2.48 -2.94
CA GLN A 32 5.56 -2.22 -1.90
C GLN A 32 6.95 -2.09 -2.51
N VAL A 33 7.26 -2.94 -3.49
CA VAL A 33 8.56 -2.93 -4.15
C VAL A 33 8.89 -1.54 -4.67
N LEU A 34 7.89 -0.88 -5.25
CA LEU A 34 8.08 0.46 -5.80
C LEU A 34 8.91 1.33 -4.85
N HIS A 35 8.71 1.13 -3.55
CA HIS A 35 9.45 1.90 -2.55
C HIS A 35 10.71 1.14 -2.12
N MET A 36 11.33 0.46 -3.07
CA MET A 36 12.55 -0.30 -2.78
C MET A 36 13.79 0.51 -3.12
N GLY A 37 13.72 1.29 -4.20
CA GLY A 37 14.85 2.11 -4.60
C GLY A 37 14.68 2.67 -6.00
N GLN A 38 13.49 3.18 -6.29
CA GLN A 38 13.21 3.76 -7.60
C GLN A 38 14.39 4.57 -8.11
N LYS A 39 14.99 5.36 -7.22
CA LYS A 39 16.13 6.18 -7.57
C LYS A 39 17.04 5.46 -8.56
N ASN A 40 17.05 5.94 -9.80
CA ASN A 40 17.87 5.34 -10.85
C ASN A 40 19.26 5.98 -10.89
N SER A 41 20.28 5.20 -10.56
CA SER A 41 21.64 5.70 -10.57
C SER A 41 21.94 6.51 -11.82
N GLY A 42 21.96 5.84 -12.96
CA GLY A 42 22.23 6.50 -14.22
C GLY A 42 23.19 5.73 -15.10
N PRO A 43 22.67 4.72 -15.81
CA PRO A 43 23.48 3.88 -16.70
C PRO A 43 23.94 4.63 -17.94
N SER A 44 23.58 5.91 -18.02
CA SER A 44 23.94 6.74 -19.16
C SER A 44 25.44 7.02 -19.16
N SER A 45 26.10 6.74 -20.28
CA SER A 45 27.53 6.96 -20.40
C SER A 45 28.26 6.55 -19.13
N GLY A 46 27.97 5.33 -18.66
CA GLY A 46 28.61 4.84 -17.44
C GLY A 46 27.65 4.77 -16.27
ZN ZN B . 3.23 3.29 -1.93
N GLY A 1 -14.37 12.07 18.36
CA GLY A 1 -13.83 11.00 19.20
C GLY A 1 -13.58 9.73 18.41
N SER A 2 -14.62 9.23 17.76
CA SER A 2 -14.51 8.01 16.98
C SER A 2 -14.18 8.31 15.51
N SER A 3 -13.04 7.80 15.06
CA SER A 3 -12.59 8.03 13.69
C SER A 3 -12.15 6.71 13.04
N GLY A 4 -12.91 5.66 13.28
CA GLY A 4 -12.59 4.36 12.71
C GLY A 4 -12.95 3.21 13.63
N SER A 5 -13.67 2.24 13.10
CA SER A 5 -14.10 1.08 13.89
C SER A 5 -12.89 0.35 14.47
N SER A 6 -13.15 -0.52 15.44
CA SER A 6 -12.08 -1.28 16.08
C SER A 6 -11.06 -1.75 15.06
N GLY A 7 -11.53 -2.45 14.02
CA GLY A 7 -10.63 -2.94 13.00
C GLY A 7 -11.32 -3.07 11.65
N SER A 8 -11.59 -1.94 11.02
CA SER A 8 -12.26 -1.93 9.72
C SER A 8 -11.27 -1.59 8.61
N ARG A 9 -10.05 -2.12 8.72
CA ARG A 9 -9.01 -1.86 7.73
C ARG A 9 -8.80 -3.10 6.84
N GLU A 10 -9.89 -3.64 6.31
CA GLU A 10 -9.81 -4.81 5.45
C GLU A 10 -10.44 -4.53 4.09
N LYS A 11 -11.68 -4.06 4.11
CA LYS A 11 -12.40 -3.75 2.88
C LYS A 11 -11.45 -3.19 1.82
N SER A 12 -10.76 -2.11 2.17
CA SER A 12 -9.84 -1.48 1.24
C SER A 12 -8.42 -1.46 1.83
N HIS A 13 -7.46 -1.05 1.02
CA HIS A 13 -6.07 -0.99 1.45
C HIS A 13 -5.37 0.23 0.85
N GLN A 14 -4.93 1.15 1.71
CA GLN A 14 -4.25 2.36 1.28
C GLN A 14 -2.76 2.27 1.57
N CYS A 15 -1.96 2.94 0.75
CA CYS A 15 -0.51 2.96 0.92
C CYS A 15 -0.07 4.14 1.76
N ARG A 16 0.56 3.86 2.90
CA ARG A 16 1.04 4.91 3.80
C ARG A 16 2.48 5.28 3.48
N GLU A 17 2.86 5.15 2.22
CA GLU A 17 4.23 5.47 1.79
C GLU A 17 4.22 6.61 0.77
N CYS A 18 3.37 6.49 -0.24
CA CYS A 18 3.27 7.50 -1.28
C CYS A 18 1.85 8.05 -1.37
N GLY A 19 0.87 7.16 -1.38
CA GLY A 19 -0.51 7.57 -1.46
C GLY A 19 -1.26 6.90 -2.61
N GLU A 20 -1.66 5.66 -2.40
CA GLU A 20 -2.39 4.90 -3.42
C GLU A 20 -3.45 4.01 -2.78
N ILE A 21 -4.51 3.74 -3.54
CA ILE A 21 -5.60 2.89 -3.06
C ILE A 21 -5.73 1.63 -3.91
N PHE A 22 -5.61 0.49 -3.25
CA PHE A 22 -5.71 -0.80 -3.95
C PHE A 22 -6.80 -1.66 -3.32
N PHE A 23 -7.41 -2.52 -4.13
CA PHE A 23 -8.47 -3.40 -3.67
C PHE A 23 -7.94 -4.80 -3.40
N GLN A 24 -7.26 -5.36 -4.39
CA GLN A 24 -6.70 -6.70 -4.26
C GLN A 24 -5.46 -6.70 -3.37
N TYR A 25 -5.00 -7.88 -3.00
CA TYR A 25 -3.83 -8.02 -2.14
C TYR A 25 -2.54 -7.94 -2.97
N VAL A 26 -2.39 -8.85 -3.91
CA VAL A 26 -1.21 -8.88 -4.76
C VAL A 26 -0.84 -7.47 -5.24
N SER A 27 -1.85 -6.66 -5.53
CA SER A 27 -1.64 -5.30 -6.00
C SER A 27 -0.80 -4.51 -4.98
N LEU A 28 -1.18 -4.61 -3.72
CA LEU A 28 -0.48 -3.90 -2.65
C LEU A 28 0.85 -4.58 -2.33
N ILE A 29 0.77 -5.80 -1.81
CA ILE A 29 1.97 -6.56 -1.46
C ILE A 29 3.06 -6.37 -2.50
N GLU A 30 2.65 -6.27 -3.76
CA GLU A 30 3.60 -6.08 -4.86
C GLU A 30 4.09 -4.64 -4.92
N HIS A 31 3.14 -3.69 -4.94
CA HIS A 31 3.48 -2.28 -4.99
C HIS A 31 4.58 -1.94 -3.99
N GLN A 32 4.47 -2.52 -2.80
CA GLN A 32 5.45 -2.27 -1.74
C GLN A 32 6.87 -2.53 -2.25
N VAL A 33 7.06 -3.66 -2.92
CA VAL A 33 8.36 -4.04 -3.45
C VAL A 33 9.05 -2.84 -4.10
N LEU A 34 8.32 -2.14 -4.96
CA LEU A 34 8.87 -0.97 -5.64
C LEU A 34 9.53 -0.02 -4.65
N HIS A 35 8.82 0.30 -3.57
CA HIS A 35 9.35 1.20 -2.54
C HIS A 35 10.68 0.69 -2.02
N MET A 36 10.71 -0.57 -1.58
CA MET A 36 11.93 -1.16 -1.05
C MET A 36 12.89 -1.54 -2.18
N GLY A 37 14.07 -0.93 -2.17
CA GLY A 37 15.06 -1.22 -3.20
C GLY A 37 15.71 0.03 -3.75
N GLN A 38 15.02 0.71 -4.65
CA GLN A 38 15.54 1.93 -5.25
C GLN A 38 15.52 3.09 -4.24
N LYS A 39 16.68 3.38 -3.67
CA LYS A 39 16.80 4.45 -2.69
C LYS A 39 17.16 5.77 -3.37
N ASN A 40 18.18 5.73 -4.22
CA ASN A 40 18.62 6.92 -4.94
C ASN A 40 19.03 6.57 -6.36
N SER A 41 18.55 7.35 -7.32
CA SER A 41 18.87 7.13 -8.73
C SER A 41 18.86 8.44 -9.50
N GLY A 42 20.03 8.81 -10.04
CA GLY A 42 20.13 10.05 -10.80
C GLY A 42 20.21 11.27 -9.91
N PRO A 43 20.59 12.41 -10.49
CA PRO A 43 20.72 13.68 -9.76
C PRO A 43 19.35 14.23 -9.35
N SER A 44 18.28 13.65 -9.89
CA SER A 44 16.94 14.10 -9.57
C SER A 44 16.42 13.43 -8.30
N SER A 45 16.24 14.21 -7.26
CA SER A 45 15.76 13.69 -5.98
C SER A 45 14.85 14.70 -5.29
N GLY A 46 13.58 14.35 -5.15
CA GLY A 46 12.63 15.24 -4.51
C GLY A 46 11.54 14.48 -3.77
ZN ZN B . 3.18 3.52 -2.17
N GLY A 1 -33.93 7.99 -6.26
CA GLY A 1 -32.75 8.25 -5.45
C GLY A 1 -32.75 7.45 -4.16
N SER A 2 -31.80 6.54 -4.03
CA SER A 2 -31.69 5.70 -2.84
C SER A 2 -30.37 4.94 -2.84
N SER A 3 -29.62 5.07 -1.73
CA SER A 3 -28.34 4.39 -1.60
C SER A 3 -28.29 3.57 -0.31
N GLY A 4 -27.20 2.85 -0.12
CA GLY A 4 -27.05 2.03 1.06
C GLY A 4 -25.59 1.81 1.44
N SER A 5 -25.12 0.58 1.26
CA SER A 5 -23.73 0.24 1.59
C SER A 5 -23.07 -0.51 0.44
N SER A 6 -22.00 0.05 -0.10
CA SER A 6 -21.28 -0.57 -1.20
C SER A 6 -21.11 -2.07 -0.97
N GLY A 7 -20.42 -2.42 0.11
CA GLY A 7 -20.21 -3.82 0.44
C GLY A 7 -20.16 -4.07 1.92
N SER A 8 -20.16 -5.34 2.31
CA SER A 8 -20.12 -5.72 3.72
C SER A 8 -19.08 -6.81 3.96
N ARG A 9 -18.37 -6.70 5.07
CA ARG A 9 -17.34 -7.67 5.43
C ARG A 9 -16.14 -7.55 4.48
N GLU A 10 -15.73 -6.32 4.20
CA GLU A 10 -14.60 -6.07 3.32
C GLU A 10 -13.69 -4.99 3.89
N LYS A 11 -12.41 -5.05 3.54
CA LYS A 11 -11.43 -4.08 4.01
C LYS A 11 -10.45 -3.70 2.91
N SER A 12 -10.01 -2.45 2.91
CA SER A 12 -9.08 -1.96 1.90
C SER A 12 -7.74 -1.59 2.54
N HIS A 13 -6.79 -1.18 1.71
CA HIS A 13 -5.47 -0.80 2.18
C HIS A 13 -5.01 0.50 1.52
N GLN A 14 -4.16 1.25 2.22
CA GLN A 14 -3.64 2.50 1.70
C GLN A 14 -2.14 2.61 1.93
N CYS A 15 -1.39 2.80 0.85
CA CYS A 15 0.06 2.93 0.93
C CYS A 15 0.47 4.36 1.28
N ARG A 16 1.04 4.54 2.47
CA ARG A 16 1.47 5.85 2.92
C ARG A 16 2.70 6.31 2.16
N GLU A 17 3.65 5.39 1.94
CA GLU A 17 4.87 5.70 1.21
C GLU A 17 4.60 6.71 0.10
N CYS A 18 3.59 6.42 -0.72
CA CYS A 18 3.23 7.30 -1.83
C CYS A 18 1.84 7.89 -1.62
N GLY A 19 0.89 7.04 -1.24
CA GLY A 19 -0.46 7.50 -1.01
C GLY A 19 -1.44 6.99 -2.05
N GLU A 20 -1.67 5.68 -2.05
CA GLU A 20 -2.58 5.06 -3.00
C GLU A 20 -3.39 3.95 -2.34
N ILE A 21 -4.59 3.71 -2.86
CA ILE A 21 -5.47 2.68 -2.31
C ILE A 21 -5.67 1.55 -3.32
N PHE A 22 -5.24 0.35 -2.93
CA PHE A 22 -5.38 -0.82 -3.79
C PHE A 22 -6.54 -1.70 -3.35
N PHE A 23 -7.33 -2.16 -4.31
CA PHE A 23 -8.48 -3.01 -4.02
C PHE A 23 -8.03 -4.40 -3.56
N GLN A 24 -7.14 -5.02 -4.34
CA GLN A 24 -6.63 -6.34 -4.01
C GLN A 24 -5.30 -6.24 -3.25
N TYR A 25 -5.06 -7.20 -2.37
CA TYR A 25 -3.83 -7.22 -1.58
C TYR A 25 -2.64 -7.56 -2.45
N VAL A 26 -2.70 -8.71 -3.12
CA VAL A 26 -1.62 -9.15 -4.00
C VAL A 26 -1.08 -7.99 -4.84
N SER A 27 -1.95 -7.02 -5.11
CA SER A 27 -1.57 -5.86 -5.91
C SER A 27 -0.69 -4.92 -5.10
N LEU A 28 -1.16 -4.53 -3.92
CA LEU A 28 -0.41 -3.63 -3.05
C LEU A 28 0.93 -4.24 -2.67
N ILE A 29 0.90 -5.38 -2.00
CA ILE A 29 2.11 -6.06 -1.57
C ILE A 29 3.15 -6.05 -2.69
N GLU A 30 2.70 -6.24 -3.92
CA GLU A 30 3.59 -6.26 -5.07
C GLU A 30 4.12 -4.86 -5.38
N HIS A 31 3.28 -3.85 -5.15
CA HIS A 31 3.66 -2.46 -5.39
C HIS A 31 4.74 -2.02 -4.41
N GLN A 32 4.45 -2.14 -3.12
CA GLN A 32 5.39 -1.74 -2.08
C GLN A 32 6.79 -2.24 -2.40
N VAL A 33 6.89 -3.47 -2.87
CA VAL A 33 8.17 -4.07 -3.21
C VAL A 33 9.02 -3.10 -4.03
N LEU A 34 8.37 -2.32 -4.89
CA LEU A 34 9.06 -1.35 -5.73
C LEU A 34 9.80 -0.33 -4.87
N HIS A 35 9.07 0.30 -3.96
CA HIS A 35 9.66 1.31 -3.08
C HIS A 35 11.08 0.92 -2.68
N MET A 36 11.23 -0.30 -2.16
CA MET A 36 12.54 -0.78 -1.75
C MET A 36 13.61 -0.42 -2.78
N GLY A 37 14.60 0.35 -2.35
CA GLY A 37 15.67 0.75 -3.24
C GLY A 37 16.96 1.06 -2.51
N GLN A 38 17.53 2.22 -2.80
CA GLN A 38 18.78 2.64 -2.16
C GLN A 38 18.60 3.97 -1.43
N LYS A 39 18.84 3.95 -0.12
CA LYS A 39 18.70 5.17 0.69
C LYS A 39 19.96 6.01 0.61
N ASN A 40 20.51 6.14 -0.59
CA ASN A 40 21.72 6.92 -0.81
C ASN A 40 21.50 8.00 -1.86
N SER A 41 20.97 7.59 -3.01
CA SER A 41 20.70 8.52 -4.10
C SER A 41 19.33 8.26 -4.72
N GLY A 42 18.66 9.33 -5.15
CA GLY A 42 17.35 9.19 -5.74
C GLY A 42 16.42 10.33 -5.38
N PRO A 43 16.54 11.46 -6.11
CA PRO A 43 15.72 12.64 -5.88
C PRO A 43 14.26 12.42 -6.27
N SER A 44 13.35 13.09 -5.57
CA SER A 44 11.93 12.96 -5.84
C SER A 44 11.47 11.52 -5.71
N SER A 45 12.01 10.83 -4.70
CA SER A 45 11.67 9.43 -4.47
C SER A 45 11.55 8.67 -5.78
N GLY A 46 12.47 8.93 -6.71
CA GLY A 46 12.45 8.27 -7.99
C GLY A 46 11.45 8.88 -8.94
ZN ZN B . 3.49 3.13 -2.36
#